data_6RCK
#
_entry.id   6RCK
#
_cell.length_a   232.458
_cell.length_b   74.412
_cell.length_c   90.112
_cell.angle_alpha   90.00
_cell.angle_beta   111.73
_cell.angle_gamma   90.00
#
_symmetry.space_group_name_H-M   'C 1 2 1'
#
loop_
_entity.id
_entity.type
_entity.pdbx_description
1 polymer OmpK36
2 non-polymer 'LAURYL DIMETHYLAMINE-N-OXIDE'
3 non-polymer (HYDROXYETHYLOXY)TRI(ETHYLOXY)OCTANE
4 non-polymer '(2S)-3-{[{[(2S)-2,3-DIHYDROXYPROPYL]OXY}(HYDROXY)PHOSPHORYL]OXY}-2-[(6E)-HEXADEC-6-ENOYLOXY]PROPYL (8E)-OCTADEC-8-ENOATE'
5 water water
#
_entity_poly.entity_id   1
_entity_poly.type   'polypeptide(L)'
_entity_poly.pdbx_seq_one_letter_code
;GAEIYNKDGNKLDLYGKIDGLHYFSDDKSVDGDQTYMRVGVKGETQINDQLTGYGQWEYNVQANNTESSSDQAWTRLAFA
GLKFGDAGSFDYGRNYGVVYDVTSWTDVLPEFGGDGDTYGSDNFLQSRANGVATYRNSDFFGLVDGLNFALQYQGKNGSV
SGEGATNNGRGWSKQNGDGFGTSLTYDIWDGISAGFAYSHSKRTDEQNSVPALGRGDNAETYTGGLKYDANNIYLASQYT
QTYNATRAGSLGFANKAQNFEVVAQYQFDFGLRPSVAYLQSKGKDLERGYGDQDILKYVDVGATYYFNKNMSTYVDYKIN
LLDDNSFTRNAGISTDDVVALGLVYQF
;
_entity_poly.pdbx_strand_id   A,B,C
#
# COMPACT_ATOMS: atom_id res chain seq x y z
N GLY A 1 -20.82 4.57 0.86
CA GLY A 1 -20.23 4.21 -0.42
C GLY A 1 -20.57 5.17 -1.55
N ALA A 2 -19.70 5.26 -2.54
CA ALA A 2 -19.92 6.09 -3.72
C ALA A 2 -19.95 5.18 -4.94
N GLU A 3 -21.11 5.11 -5.60
CA GLU A 3 -21.24 4.38 -6.85
C GLU A 3 -20.58 5.16 -7.96
N ILE A 4 -19.39 4.72 -8.40
CA ILE A 4 -18.61 5.45 -9.40
C ILE A 4 -18.72 4.83 -10.78
N TYR A 5 -19.36 3.67 -10.89
CA TYR A 5 -19.53 3.01 -12.17
C TYR A 5 -20.79 2.16 -12.09
N ASN A 6 -21.66 2.33 -13.08
CA ASN A 6 -22.88 1.53 -13.17
C ASN A 6 -23.26 1.51 -14.64
N LYS A 7 -22.92 0.42 -15.33
CA LYS A 7 -23.15 0.36 -16.77
C LYS A 7 -23.24 -1.10 -17.19
N ASP A 8 -24.30 -1.45 -17.89
CA ASP A 8 -24.43 -2.74 -18.58
C ASP A 8 -24.25 -3.93 -17.64
N GLY A 9 -25.03 -3.93 -16.56
CA GLY A 9 -25.03 -5.02 -15.60
C GLY A 9 -23.91 -5.00 -14.58
N ASN A 10 -22.98 -4.05 -14.67
CA ASN A 10 -21.78 -4.00 -13.83
C ASN A 10 -21.79 -2.72 -13.01
N LYS A 11 -21.64 -2.86 -11.69
CA LYS A 11 -21.59 -1.74 -10.75
C LYS A 11 -20.31 -1.80 -9.92
N LEU A 12 -19.72 -0.64 -9.67
CA LEU A 12 -18.58 -0.52 -8.78
C LEU A 12 -18.86 0.60 -7.79
N ASP A 13 -18.74 0.27 -6.51
CA ASP A 13 -18.89 1.20 -5.41
C ASP A 13 -17.52 1.43 -4.77
N LEU A 14 -17.16 2.69 -4.54
CA LEU A 14 -15.95 3.06 -3.82
C LEU A 14 -16.35 3.57 -2.45
N TYR A 15 -15.69 3.11 -1.41
CA TYR A 15 -16.05 3.55 -0.06
C TYR A 15 -14.79 3.71 0.78
N GLY A 16 -14.97 4.32 1.95
CA GLY A 16 -13.87 4.47 2.88
C GLY A 16 -14.15 5.61 3.84
N LYS A 17 -13.10 5.97 4.58
CA LYS A 17 -13.20 7.05 5.55
C LYS A 17 -11.80 7.51 5.92
N ILE A 18 -11.72 8.73 6.44
CA ILE A 18 -10.49 9.31 6.98
C ILE A 18 -10.81 9.72 8.42
N ASP A 19 -10.11 9.12 9.38
CA ASP A 19 -10.41 9.34 10.80
C ASP A 19 -9.24 10.05 11.45
N GLY A 20 -9.40 11.36 11.68
CA GLY A 20 -8.44 12.09 12.47
C GLY A 20 -8.70 11.81 13.93
N LEU A 21 -7.79 11.04 14.53
CA LEU A 21 -8.08 10.36 15.77
C LEU A 21 -6.92 10.51 16.74
N HIS A 22 -7.24 10.83 17.99
CA HIS A 22 -6.23 10.99 19.04
C HIS A 22 -6.67 10.26 20.32
N TYR A 23 -5.74 9.52 20.92
CA TYR A 23 -5.93 8.83 22.20
C TYR A 23 -5.19 9.55 23.32
N PHE A 24 -5.83 9.65 24.47
CA PHE A 24 -5.17 10.17 25.67
C PHE A 24 -5.12 9.04 26.70
N SER A 25 -3.92 8.70 27.15
CA SER A 25 -3.81 7.59 28.10
C SER A 25 -2.46 7.64 28.81
N ASP A 26 -2.46 7.16 30.05
CA ASP A 26 -1.21 6.87 30.75
C ASP A 26 -0.44 5.72 30.13
N ASP A 27 -1.12 4.81 29.42
CA ASP A 27 -0.43 3.74 28.73
C ASP A 27 0.22 4.33 27.48
N LYS A 28 1.55 4.39 27.49
CA LYS A 28 2.32 5.01 26.42
C LYS A 28 2.26 4.22 25.12
N SER A 29 1.98 2.92 25.17
CA SER A 29 1.79 2.18 23.94
C SER A 29 0.45 2.46 23.29
N VAL A 30 -0.44 3.14 24.00
CA VAL A 30 -1.76 3.49 23.50
C VAL A 30 -1.90 4.99 23.25
N ASP A 31 -1.23 5.81 24.06
CA ASP A 31 -1.39 7.27 24.04
C ASP A 31 -0.92 7.86 22.72
N GLY A 32 -1.60 8.90 22.26
CA GLY A 32 -1.11 9.71 21.15
C GLY A 32 -1.93 9.71 19.87
N ASP A 33 -1.31 10.11 18.76
CA ASP A 33 -2.02 10.16 17.48
C ASP A 33 -2.33 8.76 16.98
N GLN A 34 -3.60 8.56 16.56
CA GLN A 34 -4.09 7.30 16.02
C GLN A 34 -4.78 7.48 14.66
N THR A 35 -4.46 8.55 13.94
CA THR A 35 -5.11 8.85 12.66
C THR A 35 -4.91 7.72 11.64
N TYR A 36 -5.99 7.32 10.99
CA TYR A 36 -5.91 6.28 9.96
C TYR A 36 -7.00 6.52 8.92
N MET A 37 -6.92 5.78 7.82
CA MET A 37 -7.95 5.82 6.81
C MET A 37 -8.26 4.40 6.32
N ARG A 38 -9.47 4.24 5.81
CA ARG A 38 -9.88 2.99 5.17
C ARG A 38 -10.31 3.32 3.75
N VAL A 39 -10.00 2.42 2.82
CA VAL A 39 -10.48 2.54 1.44
C VAL A 39 -10.88 1.14 0.97
N GLY A 40 -11.96 1.08 0.18
CA GLY A 40 -12.47 -0.20 -0.26
C GLY A 40 -13.30 -0.05 -1.52
N VAL A 41 -13.50 -1.19 -2.18
CA VAL A 41 -14.28 -1.28 -3.41
C VAL A 41 -15.22 -2.47 -3.27
N LYS A 42 -16.47 -2.26 -3.65
CA LYS A 42 -17.50 -3.30 -3.74
C LYS A 42 -18.00 -3.32 -5.17
N GLY A 43 -17.88 -4.47 -5.83
CA GLY A 43 -18.34 -4.63 -7.19
C GLY A 43 -19.36 -5.75 -7.29
N GLU A 44 -20.22 -5.66 -8.29
CA GLU A 44 -21.12 -6.76 -8.58
C GLU A 44 -21.48 -6.75 -10.05
N THR A 45 -21.64 -7.94 -10.62
CA THR A 45 -21.91 -8.10 -12.03
C THR A 45 -23.09 -9.05 -12.21
N GLN A 46 -24.09 -8.61 -12.96
CA GLN A 46 -25.23 -9.48 -13.25
C GLN A 46 -24.83 -10.51 -14.30
N ILE A 47 -24.85 -11.78 -13.94
CA ILE A 47 -24.48 -12.84 -14.89
C ILE A 47 -25.70 -13.33 -15.67
N ASN A 48 -26.77 -13.70 -14.98
CA ASN A 48 -28.06 -13.97 -15.61
C ASN A 48 -29.14 -13.63 -14.60
N ASP A 49 -30.40 -13.94 -14.93
CA ASP A 49 -31.54 -13.58 -14.09
C ASP A 49 -31.38 -14.05 -12.65
N GLN A 50 -30.79 -15.24 -12.46
CA GLN A 50 -30.67 -15.82 -11.13
C GLN A 50 -29.29 -15.65 -10.50
N LEU A 51 -28.26 -15.36 -11.29
CA LEU A 51 -26.88 -15.45 -10.83
C LEU A 51 -26.23 -14.09 -10.91
N THR A 52 -25.70 -13.63 -9.77
CA THR A 52 -24.86 -12.45 -9.69
C THR A 52 -23.51 -12.80 -9.08
N GLY A 53 -22.46 -12.26 -9.66
CA GLY A 53 -21.12 -12.37 -9.09
C GLY A 53 -20.71 -11.05 -8.45
N TYR A 54 -19.88 -11.15 -7.41
CA TYR A 54 -19.47 -9.96 -6.66
C TYR A 54 -18.06 -10.13 -6.11
N GLY A 55 -17.51 -9.01 -5.64
CA GLY A 55 -16.22 -9.00 -4.99
C GLY A 55 -16.08 -7.77 -4.13
N GLN A 56 -15.29 -7.89 -3.08
CA GLN A 56 -15.08 -6.75 -2.20
C GLN A 56 -13.66 -6.78 -1.66
N TRP A 57 -13.07 -5.59 -1.53
CA TRP A 57 -11.73 -5.41 -1.00
C TRP A 57 -11.76 -4.23 -0.05
N GLU A 58 -11.17 -4.38 1.12
CA GLU A 58 -11.14 -3.31 2.11
C GLU A 58 -9.73 -3.19 2.65
N TYR A 59 -9.18 -1.99 2.59
CA TYR A 59 -7.78 -1.74 2.93
C TYR A 59 -7.71 -0.76 4.08
N ASN A 60 -6.79 -1.02 5.01
CA ASN A 60 -6.53 -0.14 6.13
C ASN A 60 -5.16 0.50 5.97
N VAL A 61 -5.11 1.82 6.04
CA VAL A 61 -3.86 2.56 5.88
C VAL A 61 -3.67 3.45 7.10
N GLN A 62 -2.68 3.13 7.92
CA GLN A 62 -2.36 3.97 9.07
C GLN A 62 -1.75 5.27 8.60
N ALA A 63 -2.05 6.35 9.31
CA ALA A 63 -1.42 7.64 8.98
C ALA A 63 -0.89 8.32 10.23
N ASN A 64 -0.61 7.56 11.29
CA ASN A 64 -0.17 8.15 12.54
C ASN A 64 1.34 8.03 12.75
N ASN A 65 2.07 7.48 11.78
CA ASN A 65 3.52 7.37 11.90
C ASN A 65 4.18 7.98 10.67
N THR A 66 5.50 7.87 10.61
CA THR A 66 6.27 8.64 9.65
C THR A 66 6.24 7.99 8.27
N GLU A 67 6.79 8.71 7.30
CA GLU A 67 6.90 8.17 5.95
C GLU A 67 7.97 7.10 5.81
N SER A 68 8.86 6.90 6.81
CA SER A 68 9.80 5.79 6.79
C SER A 68 9.41 4.66 7.74
N SER A 69 8.26 4.74 8.40
CA SER A 69 7.80 3.65 9.25
C SER A 69 7.48 2.41 8.42
N SER A 70 7.50 1.26 9.08
CA SER A 70 7.20 -0.03 8.47
C SER A 70 5.79 -0.50 8.77
N ASP A 71 5.22 -1.25 7.83
CA ASP A 71 4.03 -2.08 8.05
C ASP A 71 2.79 -1.23 8.39
N GLN A 72 2.57 -0.18 7.60
CA GLN A 72 1.52 0.78 7.94
C GLN A 72 0.22 0.57 7.17
N ALA A 73 0.12 -0.46 6.34
CA ALA A 73 -1.11 -0.70 5.59
C ALA A 73 -1.34 -2.20 5.45
N TRP A 74 -2.60 -2.61 5.51
CA TRP A 74 -2.93 -4.02 5.41
C TRP A 74 -4.36 -4.20 4.91
N THR A 75 -4.61 -5.39 4.35
CA THR A 75 -5.92 -5.74 3.83
C THR A 75 -6.80 -6.30 4.94
N ARG A 76 -7.96 -5.70 5.13
CA ARG A 76 -8.95 -6.24 6.06
C ARG A 76 -9.83 -7.30 5.41
N LEU A 77 -10.24 -7.09 4.16
CA LEU A 77 -11.16 -7.97 3.45
C LEU A 77 -10.72 -8.08 2.01
N ALA A 78 -10.89 -9.26 1.43
CA ALA A 78 -10.73 -9.45 -0.01
C ALA A 78 -11.36 -10.77 -0.36
N PHE A 79 -12.52 -10.73 -1.00
CA PHE A 79 -13.22 -11.98 -1.34
C PHE A 79 -14.01 -11.80 -2.64
N ALA A 80 -14.25 -12.92 -3.31
CA ALA A 80 -15.06 -13.00 -4.52
C ALA A 80 -16.17 -14.02 -4.28
N GLY A 81 -17.30 -13.81 -4.93
CA GLY A 81 -18.42 -14.68 -4.63
C GLY A 81 -19.47 -14.72 -5.72
N LEU A 82 -20.41 -15.64 -5.52
CA LEU A 82 -21.57 -15.85 -6.37
C LEU A 82 -22.82 -15.86 -5.51
N LYS A 83 -23.84 -15.15 -6.00
CA LYS A 83 -25.17 -15.09 -5.39
C LYS A 83 -26.19 -15.68 -6.36
N PHE A 84 -26.96 -16.68 -5.90
CA PHE A 84 -27.94 -17.37 -6.76
C PHE A 84 -29.31 -17.34 -6.09
N GLY A 85 -30.18 -16.45 -6.55
CA GLY A 85 -31.57 -16.39 -6.13
C GLY A 85 -31.79 -16.62 -4.65
N ASP A 86 -32.81 -17.41 -4.32
CA ASP A 86 -33.09 -17.80 -2.94
C ASP A 86 -32.19 -18.93 -2.46
N ALA A 87 -31.36 -19.50 -3.32
CA ALA A 87 -30.50 -20.61 -2.89
C ALA A 87 -29.41 -20.12 -1.93
N GLY A 88 -29.00 -18.85 -2.03
CA GLY A 88 -28.05 -18.28 -1.10
C GLY A 88 -26.87 -17.67 -1.82
N SER A 89 -25.74 -17.56 -1.11
CA SER A 89 -24.52 -17.01 -1.67
C SER A 89 -23.32 -17.82 -1.20
N PHE A 90 -22.24 -17.75 -1.98
CA PHE A 90 -20.97 -18.40 -1.64
C PHE A 90 -19.83 -17.46 -1.96
N ASP A 91 -18.91 -17.27 -1.01
CA ASP A 91 -17.71 -16.48 -1.31
C ASP A 91 -16.49 -17.07 -0.62
N TYR A 92 -15.31 -16.76 -1.17
CA TYR A 92 -14.04 -17.27 -0.66
C TYR A 92 -13.00 -16.16 -0.65
N GLY A 93 -12.23 -16.10 0.42
CA GLY A 93 -11.06 -15.26 0.54
C GLY A 93 -10.81 -14.87 1.99
N ARG A 94 -10.43 -13.61 2.18
CA ARG A 94 -10.30 -13.01 3.50
C ARG A 94 -11.62 -12.33 3.84
N ASN A 95 -12.33 -12.87 4.83
CA ASN A 95 -13.66 -12.37 5.16
C ASN A 95 -13.86 -12.59 6.65
N TYR A 96 -15.00 -12.10 7.15
CA TYR A 96 -15.36 -12.27 8.55
C TYR A 96 -15.72 -13.72 8.84
N GLY A 97 -15.24 -14.22 9.97
CA GLY A 97 -15.72 -15.49 10.46
C GLY A 97 -17.13 -15.35 10.98
N VAL A 98 -17.91 -16.44 10.84
CA VAL A 98 -19.33 -16.37 11.13
C VAL A 98 -19.65 -16.15 12.60
N VAL A 99 -18.69 -16.32 13.51
CA VAL A 99 -18.93 -15.92 14.89
C VAL A 99 -19.26 -14.43 14.96
N TYR A 100 -18.56 -13.62 14.15
CA TYR A 100 -18.84 -12.19 14.13
C TYR A 100 -20.26 -11.88 13.65
N ASP A 101 -20.93 -12.82 12.94
CA ASP A 101 -22.33 -12.59 12.60
C ASP A 101 -23.15 -12.22 13.82
N VAL A 102 -22.80 -12.75 14.99
CA VAL A 102 -23.52 -12.44 16.22
C VAL A 102 -22.77 -11.42 17.08
N THR A 103 -21.46 -11.58 17.25
CA THR A 103 -20.75 -10.66 18.12
C THR A 103 -20.69 -9.24 17.54
N SER A 104 -20.90 -9.07 16.23
CA SER A 104 -20.95 -7.73 15.65
C SER A 104 -22.07 -6.88 16.25
N TRP A 105 -23.02 -7.50 16.94
CA TRP A 105 -24.15 -6.74 17.48
C TRP A 105 -23.72 -5.81 18.61
N THR A 106 -22.63 -6.13 19.30
CA THR A 106 -22.08 -5.26 20.32
C THR A 106 -20.91 -4.43 19.81
N ASP A 107 -20.54 -4.58 18.55
CA ASP A 107 -19.43 -3.83 17.95
C ASP A 107 -19.96 -2.51 17.38
N VAL A 108 -20.44 -1.66 18.28
CA VAL A 108 -21.18 -0.46 17.89
C VAL A 108 -20.72 0.76 18.71
N LEU A 109 -19.65 0.61 19.48
CA LEU A 109 -19.18 1.70 20.33
C LEU A 109 -18.63 2.84 19.47
N PRO A 110 -18.51 4.04 20.03
CA PRO A 110 -18.00 5.16 19.20
C PRO A 110 -16.57 4.93 18.71
N GLU A 111 -15.72 4.27 19.50
CA GLU A 111 -14.36 3.99 19.05
C GLU A 111 -13.84 2.63 19.49
N PHE A 112 -14.07 2.24 20.75
CA PHE A 112 -13.49 1.02 21.26
C PHE A 112 -14.40 -0.17 20.93
N GLY A 113 -14.23 -1.32 21.60
CA GLY A 113 -15.01 -2.50 21.30
C GLY A 113 -14.50 -3.26 20.08
N GLY A 114 -15.23 -4.32 19.71
CA GLY A 114 -14.89 -5.04 18.48
C GLY A 114 -13.60 -5.84 18.62
N ASP A 115 -12.96 -6.11 17.48
CA ASP A 115 -11.75 -6.90 17.52
C ASP A 115 -10.64 -6.14 18.24
N GLY A 116 -9.81 -6.88 18.94
CA GLY A 116 -8.85 -6.31 19.84
C GLY A 116 -9.26 -6.42 21.29
N ASP A 117 -10.55 -6.61 21.58
CA ASP A 117 -11.00 -6.63 22.96
C ASP A 117 -11.26 -8.07 23.44
N THR A 118 -12.50 -8.57 23.34
CA THR A 118 -12.70 -9.95 23.78
C THR A 118 -12.27 -10.98 22.74
N TYR A 119 -12.06 -10.56 21.50
CA TYR A 119 -11.60 -11.43 20.43
C TYR A 119 -10.73 -10.58 19.52
N GLY A 120 -9.95 -11.23 18.66
CA GLY A 120 -9.09 -10.53 17.75
C GLY A 120 -9.37 -10.86 16.30
N SER A 121 -8.68 -10.15 15.41
CA SER A 121 -8.58 -10.55 14.02
C SER A 121 -7.59 -11.70 13.88
N ASP A 122 -7.76 -12.47 12.80
CA ASP A 122 -6.94 -13.66 12.54
C ASP A 122 -6.90 -14.58 13.76
N ASN A 123 -8.08 -14.79 14.34
CA ASN A 123 -8.24 -15.40 15.65
C ASN A 123 -9.27 -16.53 15.50
N PHE A 124 -8.86 -17.59 14.81
CA PHE A 124 -9.77 -18.62 14.28
C PHE A 124 -10.92 -17.92 13.55
N LEU A 125 -12.17 -18.24 13.84
CA LEU A 125 -13.30 -17.71 13.08
C LEU A 125 -14.05 -16.62 13.83
N GLN A 126 -13.38 -15.94 14.76
CA GLN A 126 -14.06 -14.93 15.56
C GLN A 126 -14.14 -13.57 14.87
N SER A 127 -13.28 -13.30 13.88
CA SER A 127 -13.32 -12.02 13.18
C SER A 127 -12.72 -12.18 11.78
N ARG A 128 -12.04 -11.16 11.26
CA ARG A 128 -11.51 -11.25 9.91
C ARG A 128 -10.44 -12.34 9.85
N ALA A 129 -10.39 -13.06 8.73
CA ALA A 129 -9.75 -14.36 8.70
C ALA A 129 -9.34 -14.70 7.27
N ASN A 130 -8.14 -15.27 7.11
CA ASN A 130 -7.69 -15.74 5.80
C ASN A 130 -8.31 -17.10 5.45
N GLY A 131 -8.64 -17.27 4.18
CA GLY A 131 -9.01 -18.57 3.65
C GLY A 131 -10.37 -19.12 4.03
N VAL A 132 -11.39 -18.28 4.16
CA VAL A 132 -12.71 -18.74 4.58
C VAL A 132 -13.61 -18.90 3.38
N ALA A 133 -14.27 -20.05 3.31
CA ALA A 133 -15.34 -20.33 2.35
C ALA A 133 -16.64 -20.21 3.12
N THR A 134 -17.52 -19.31 2.68
CA THR A 134 -18.69 -18.95 3.45
C THR A 134 -19.93 -19.15 2.59
N TYR A 135 -20.85 -19.98 3.05
CA TYR A 135 -22.16 -20.13 2.43
C TYR A 135 -23.18 -19.40 3.30
N ARG A 136 -24.03 -18.58 2.68
CA ARG A 136 -25.04 -17.85 3.43
C ARG A 136 -26.41 -18.04 2.82
N ASN A 137 -27.43 -18.05 3.67
CA ASN A 137 -28.81 -18.18 3.23
C ASN A 137 -29.66 -17.15 3.96
N SER A 138 -30.44 -16.38 3.21
CA SER A 138 -31.30 -15.35 3.76
C SER A 138 -32.75 -15.80 3.76
N ASP A 139 -33.44 -15.55 4.87
CA ASP A 139 -34.88 -15.79 4.99
C ASP A 139 -35.25 -17.24 4.74
N PHE A 140 -34.32 -18.14 5.06
CA PHE A 140 -34.49 -19.58 4.88
C PHE A 140 -35.07 -19.92 3.51
N PHE A 141 -34.23 -19.86 2.48
CA PHE A 141 -34.64 -20.17 1.10
C PHE A 141 -35.83 -19.32 0.64
N GLY A 142 -36.05 -18.16 1.27
CA GLY A 142 -37.21 -17.34 0.97
C GLY A 142 -38.50 -17.81 1.60
N LEU A 143 -38.44 -18.77 2.52
CA LEU A 143 -39.61 -19.33 3.17
C LEU A 143 -39.94 -18.67 4.50
N VAL A 144 -38.97 -18.05 5.18
CA VAL A 144 -39.17 -17.50 6.52
C VAL A 144 -38.41 -16.19 6.69
N ASP A 145 -39.11 -15.07 6.60
CA ASP A 145 -38.46 -13.76 6.67
C ASP A 145 -37.77 -13.56 8.02
N GLY A 146 -36.55 -13.02 7.96
CA GLY A 146 -35.76 -12.72 9.14
C GLY A 146 -34.93 -13.86 9.67
N LEU A 147 -35.03 -15.05 9.09
CA LEU A 147 -34.26 -16.22 9.49
C LEU A 147 -33.03 -16.36 8.60
N ASN A 148 -31.85 -16.16 9.16
CA ASN A 148 -30.61 -16.22 8.40
C ASN A 148 -29.67 -17.25 8.99
N PHE A 149 -28.93 -17.95 8.12
CA PHE A 149 -27.94 -18.89 8.60
C PHE A 149 -26.77 -18.94 7.63
N ALA A 150 -25.64 -19.41 8.16
CA ALA A 150 -24.37 -19.37 7.47
C ALA A 150 -23.57 -20.60 7.86
N LEU A 151 -22.86 -21.17 6.88
CA LEU A 151 -21.96 -22.29 7.11
C LEU A 151 -20.60 -21.94 6.51
N GLN A 152 -19.54 -22.21 7.25
CA GLN A 152 -18.25 -21.66 6.88
C GLN A 152 -17.14 -22.68 7.11
N TYR A 153 -16.21 -22.75 6.15
CA TYR A 153 -15.01 -23.58 6.27
C TYR A 153 -13.76 -22.74 6.11
N GLN A 154 -12.73 -23.07 6.89
CA GLN A 154 -11.43 -22.40 6.81
C GLN A 154 -10.34 -23.45 6.74
N GLY A 155 -9.46 -23.33 5.74
CA GLY A 155 -8.28 -24.17 5.69
C GLY A 155 -7.21 -23.72 6.67
N LYS A 156 -6.31 -24.66 6.96
CA LYS A 156 -5.18 -24.42 7.85
C LYS A 156 -4.37 -23.20 7.41
N ASN A 157 -4.05 -22.33 8.38
CA ASN A 157 -3.04 -21.28 8.22
C ASN A 157 -1.95 -21.54 9.25
N GLY A 158 -0.80 -22.01 8.79
CA GLY A 158 0.19 -22.63 9.66
C GLY A 158 1.38 -21.76 9.99
N SER A 159 2.47 -22.42 10.34
CA SER A 159 3.70 -21.75 10.74
C SER A 159 4.48 -21.30 9.51
N VAL A 160 5.49 -20.47 9.75
CA VAL A 160 6.37 -20.04 8.67
C VAL A 160 7.21 -21.21 8.16
N SER A 161 7.80 -21.98 9.07
CA SER A 161 8.72 -23.06 8.68
C SER A 161 8.30 -24.37 9.35
N GLY A 162 9.09 -25.41 9.10
CA GLY A 162 8.83 -26.71 9.70
C GLY A 162 7.69 -27.40 8.99
N GLU A 163 7.29 -28.54 9.56
CA GLU A 163 6.27 -29.37 8.93
C GLU A 163 4.86 -28.90 9.21
N GLY A 164 4.69 -27.88 10.05
CA GLY A 164 3.38 -27.31 10.28
C GLY A 164 3.09 -26.10 9.40
N ALA A 165 3.88 -25.90 8.35
CA ALA A 165 3.88 -24.65 7.63
C ALA A 165 2.84 -24.64 6.52
N THR A 166 2.34 -23.45 6.19
CA THR A 166 1.65 -23.21 4.94
C THR A 166 2.36 -22.09 4.20
N ASN A 167 1.98 -21.85 2.94
CA ASN A 167 2.59 -20.76 2.18
C ASN A 167 2.49 -19.43 2.90
N ASN A 168 1.40 -19.22 3.64
CA ASN A 168 1.06 -17.96 4.27
C ASN A 168 1.26 -18.06 5.77
N GLY A 169 2.39 -18.63 6.19
CA GLY A 169 2.61 -18.87 7.60
C GLY A 169 2.66 -17.59 8.41
N ARG A 170 2.30 -17.71 9.69
CA ARG A 170 2.32 -16.59 10.62
C ARG A 170 2.66 -17.13 12.00
N GLY A 171 2.72 -16.24 12.99
CA GLY A 171 3.01 -16.64 14.35
C GLY A 171 1.85 -17.38 15.01
N TRP A 172 2.17 -18.08 16.11
CA TRP A 172 1.21 -18.97 16.76
C TRP A 172 -0.08 -18.27 17.16
N SER A 173 -0.01 -16.98 17.55
CA SER A 173 -1.22 -16.28 18.01
C SER A 173 -2.23 -16.08 16.89
N LYS A 174 -1.82 -16.25 15.62
CA LYS A 174 -2.68 -16.00 14.48
C LYS A 174 -2.74 -17.21 13.54
N GLN A 175 -2.32 -18.38 14.03
CA GLN A 175 -2.43 -19.61 13.28
C GLN A 175 -3.78 -20.28 13.54
N ASN A 176 -4.15 -21.17 12.63
CA ASN A 176 -5.29 -22.06 12.83
C ASN A 176 -5.05 -23.30 11.99
N GLY A 177 -5.66 -24.41 12.40
CA GLY A 177 -5.83 -25.57 11.56
C GLY A 177 -7.14 -25.48 10.80
N ASP A 178 -7.52 -26.60 10.17
CA ASP A 178 -8.81 -26.67 9.49
C ASP A 178 -9.93 -26.38 10.49
N GLY A 179 -10.94 -25.65 10.04
CA GLY A 179 -12.03 -25.32 10.93
C GLY A 179 -13.34 -25.13 10.20
N PHE A 180 -14.40 -25.07 11.00
CA PHE A 180 -15.69 -24.76 10.44
C PHE A 180 -16.48 -23.97 11.47
N GLY A 181 -17.46 -23.24 10.98
CA GLY A 181 -18.32 -22.51 11.88
C GLY A 181 -19.69 -22.37 11.26
N THR A 182 -20.66 -22.05 12.11
CA THR A 182 -22.03 -21.90 11.68
C THR A 182 -22.66 -20.76 12.47
N SER A 183 -23.62 -20.09 11.84
CA SER A 183 -24.33 -19.03 12.52
C SER A 183 -25.82 -19.09 12.20
N LEU A 184 -26.61 -18.63 13.16
CA LEU A 184 -28.07 -18.64 13.04
C LEU A 184 -28.60 -17.39 13.72
N THR A 185 -29.34 -16.56 12.97
CA THR A 185 -29.97 -15.37 13.54
C THR A 185 -31.43 -15.30 13.08
N TYR A 186 -32.28 -14.80 13.97
CA TYR A 186 -33.70 -14.66 13.67
C TYR A 186 -34.16 -13.29 14.11
N ASP A 187 -34.66 -12.50 13.16
CA ASP A 187 -35.17 -11.15 13.40
C ASP A 187 -36.66 -11.19 13.73
N GLY A 191 -38.49 -5.63 16.23
CA GLY A 191 -37.18 -5.03 16.29
C GLY A 191 -36.21 -5.76 17.22
N ILE A 192 -36.59 -6.97 17.64
CA ILE A 192 -35.76 -7.81 18.51
C ILE A 192 -35.22 -8.97 17.68
N SER A 193 -33.95 -9.32 17.91
CA SER A 193 -33.34 -10.45 17.22
C SER A 193 -32.54 -11.28 18.21
N ALA A 194 -32.45 -12.57 17.91
CA ALA A 194 -31.67 -13.51 18.68
C ALA A 194 -30.71 -14.20 17.73
N GLY A 195 -29.55 -14.58 18.25
CA GLY A 195 -28.52 -15.18 17.42
C GLY A 195 -27.68 -16.18 18.18
N PHE A 196 -27.18 -17.17 17.45
CA PHE A 196 -26.25 -18.16 17.98
C PHE A 196 -25.19 -18.43 16.95
N ALA A 197 -23.97 -18.71 17.42
CA ALA A 197 -22.88 -19.08 16.53
C ALA A 197 -22.01 -20.13 17.19
N TYR A 198 -21.47 -21.01 16.37
CA TYR A 198 -20.59 -22.08 16.84
C TYR A 198 -19.40 -22.19 15.91
N SER A 199 -18.22 -22.45 16.47
CA SER A 199 -17.06 -22.70 15.64
C SER A 199 -16.16 -23.73 16.29
N HIS A 200 -15.52 -24.54 15.46
CA HIS A 200 -14.62 -25.59 15.91
C HIS A 200 -13.47 -25.69 14.91
N SER A 201 -12.25 -25.51 15.40
CA SER A 201 -11.05 -25.55 14.58
C SER A 201 -10.02 -26.47 15.20
N LYS A 202 -9.22 -27.09 14.34
CA LYS A 202 -7.99 -27.73 14.80
C LYS A 202 -6.98 -26.67 15.26
N ARG A 203 -6.21 -27.02 16.28
CA ARG A 203 -5.11 -26.16 16.66
C ARG A 203 -3.84 -26.66 15.99
N THR A 204 -2.81 -25.82 16.01
CA THR A 204 -1.55 -26.14 15.36
C THR A 204 -0.49 -26.51 16.40
N ASP A 205 0.60 -27.12 15.93
CA ASP A 205 1.59 -27.65 16.86
C ASP A 205 2.41 -26.54 17.51
N GLU A 206 2.63 -25.42 16.81
CA GLU A 206 3.33 -24.31 17.46
C GLU A 206 2.47 -23.69 18.57
N GLN A 207 1.14 -23.71 18.43
CA GLN A 207 0.29 -23.23 19.52
C GLN A 207 0.46 -24.08 20.78
N ASN A 208 0.77 -25.37 20.63
CA ASN A 208 0.97 -26.25 21.78
C ASN A 208 2.42 -26.40 22.20
N SER A 209 3.33 -25.73 21.53
CA SER A 209 4.71 -25.87 21.96
C SER A 209 5.38 -24.53 22.24
N VAL A 210 5.04 -23.48 21.50
CA VAL A 210 5.79 -22.23 21.62
C VAL A 210 5.32 -21.42 22.84
N PRO A 211 4.06 -21.03 22.96
CA PRO A 211 3.67 -20.23 24.12
C PRO A 211 3.46 -21.10 25.34
N ALA A 212 3.52 -20.45 26.50
CA ALA A 212 3.44 -21.16 27.78
C ALA A 212 2.01 -21.56 28.14
N LEU A 213 1.02 -20.77 27.74
CA LEU A 213 -0.35 -20.94 28.19
C LEU A 213 -1.23 -21.52 27.08
N GLY A 214 -2.15 -22.40 27.47
CA GLY A 214 -3.09 -22.99 26.54
C GLY A 214 -2.60 -24.26 25.86
N ARG A 215 -3.34 -25.36 26.04
CA ARG A 215 -2.97 -26.66 25.49
C ARG A 215 -4.25 -27.38 25.09
N GLY A 216 -4.21 -28.03 23.96
CA GLY A 216 -5.38 -28.72 23.47
C GLY A 216 -5.31 -28.82 21.96
N ASP A 217 -5.98 -29.84 21.43
CA ASP A 217 -5.97 -30.11 20.00
C ASP A 217 -7.04 -29.35 19.23
N ASN A 218 -8.05 -28.80 19.93
CA ASN A 218 -9.21 -28.18 19.30
C ASN A 218 -9.55 -26.83 19.94
N ALA A 219 -9.96 -25.88 19.11
CA ALA A 219 -10.45 -24.58 19.55
C ALA A 219 -11.93 -24.49 19.22
N GLU A 220 -12.74 -24.14 20.21
CA GLU A 220 -14.19 -24.10 20.10
C GLU A 220 -14.69 -22.77 20.66
N THR A 221 -15.76 -22.26 20.07
CA THR A 221 -16.48 -21.10 20.60
C THR A 221 -17.97 -21.38 20.53
N TYR A 222 -18.69 -20.91 21.54
CA TYR A 222 -20.15 -20.95 21.58
C TYR A 222 -20.63 -19.54 21.89
N THR A 223 -21.57 -19.02 21.08
CA THR A 223 -21.97 -17.63 21.21
C THR A 223 -23.49 -17.51 21.13
N GLY A 224 -24.06 -16.76 22.06
CA GLY A 224 -25.45 -16.33 21.95
C GLY A 224 -25.54 -14.83 22.13
N GLY A 225 -26.45 -14.22 21.38
CA GLY A 225 -26.57 -12.77 21.40
C GLY A 225 -28.02 -12.34 21.26
N LEU A 226 -28.25 -11.09 21.66
CA LEU A 226 -29.57 -10.49 21.66
C LEU A 226 -29.45 -9.03 21.23
N LYS A 227 -30.46 -8.53 20.51
CA LYS A 227 -30.37 -7.18 19.99
C LYS A 227 -31.75 -6.55 19.92
N TYR A 228 -31.86 -5.33 20.43
CA TYR A 228 -33.04 -4.50 20.24
C TYR A 228 -32.65 -3.27 19.44
N ASP A 229 -33.36 -3.02 18.34
CA ASP A 229 -32.98 -1.92 17.44
C ASP A 229 -34.27 -1.37 16.83
N ALA A 230 -34.86 -0.38 17.50
CA ALA A 230 -36.08 0.28 17.04
C ALA A 230 -36.38 1.42 17.99
N ASN A 231 -37.21 2.36 17.51
CA ASN A 231 -37.67 3.49 18.32
C ASN A 231 -36.50 4.31 18.85
N ASN A 232 -35.51 4.54 18.00
CA ASN A 232 -34.29 5.28 18.31
C ASN A 232 -33.44 4.62 19.39
N ILE A 233 -33.76 3.40 19.80
CA ILE A 233 -33.06 2.72 20.88
C ILE A 233 -32.28 1.54 20.32
N TYR A 234 -31.03 1.39 20.75
CA TYR A 234 -30.22 0.23 20.41
C TYR A 234 -29.72 -0.40 21.70
N LEU A 235 -30.00 -1.70 21.88
CA LEU A 235 -29.46 -2.50 22.98
C LEU A 235 -28.97 -3.81 22.42
N ALA A 236 -27.83 -4.27 22.91
CA ALA A 236 -27.32 -5.54 22.43
C ALA A 236 -26.44 -6.18 23.48
N SER A 237 -26.45 -7.51 23.50
CA SER A 237 -25.56 -8.28 24.35
C SER A 237 -25.11 -9.53 23.59
N GLN A 238 -23.87 -9.96 23.85
CA GLN A 238 -23.39 -11.25 23.43
C GLN A 238 -22.63 -11.89 24.58
N TYR A 239 -22.80 -13.19 24.73
CA TYR A 239 -22.03 -14.00 25.66
C TYR A 239 -21.36 -15.13 24.88
N THR A 240 -20.07 -15.32 25.10
CA THR A 240 -19.30 -16.34 24.38
C THR A 240 -18.49 -17.16 25.37
N GLN A 241 -18.54 -18.48 25.23
CA GLN A 241 -17.63 -19.39 25.89
C GLN A 241 -16.68 -19.98 24.85
N THR A 242 -15.39 -19.95 25.16
CA THR A 242 -14.37 -20.45 24.24
C THR A 242 -13.48 -21.47 24.94
N TYR A 243 -12.85 -22.29 24.12
CA TYR A 243 -11.88 -23.26 24.61
C TYR A 243 -10.66 -23.17 23.72
N ASN A 244 -9.51 -22.86 24.34
CA ASN A 244 -8.23 -22.76 23.65
C ASN A 244 -8.28 -21.76 22.50
N ALA A 245 -9.19 -20.79 22.54
CA ALA A 245 -9.46 -19.89 21.42
C ALA A 245 -9.28 -18.41 21.72
N THR A 246 -9.25 -18.01 22.99
CA THR A 246 -9.08 -16.62 23.39
C THR A 246 -7.64 -16.36 23.80
N ARG A 247 -7.05 -15.28 23.28
CA ARG A 247 -5.64 -15.02 23.56
C ARG A 247 -5.44 -14.57 24.99
N ALA A 248 -4.37 -15.05 25.61
CA ALA A 248 -3.94 -14.59 26.94
C ALA A 248 -2.79 -13.59 26.78
N GLY A 249 -3.10 -12.50 26.08
CA GLY A 249 -2.08 -11.58 25.63
C GLY A 249 -1.00 -12.31 24.85
N SER A 250 0.24 -11.87 25.02
CA SER A 250 1.39 -12.50 24.38
C SER A 250 1.82 -13.80 25.04
N LEU A 251 1.11 -14.26 26.09
CA LEU A 251 1.51 -15.44 26.85
C LEU A 251 1.01 -16.75 26.27
N GLY A 252 -0.01 -16.70 25.40
CA GLY A 252 -0.62 -17.91 24.88
C GLY A 252 -2.12 -17.79 24.76
N PHE A 253 -2.83 -18.90 24.97
CA PHE A 253 -4.28 -18.95 24.91
C PHE A 253 -4.83 -19.38 26.26
N ALA A 254 -6.08 -18.98 26.53
CA ALA A 254 -6.81 -19.46 27.70
C ALA A 254 -7.46 -20.80 27.39
N ASN A 255 -7.19 -21.81 28.23
CA ASN A 255 -7.85 -23.09 28.03
C ASN A 255 -9.36 -22.94 28.04
N LYS A 256 -9.86 -22.03 28.87
CA LYS A 256 -11.28 -21.70 28.87
C LYS A 256 -11.41 -20.21 29.11
N ALA A 257 -12.41 -19.61 28.46
CA ALA A 257 -12.68 -18.20 28.66
C ALA A 257 -14.17 -17.96 28.52
N GLN A 258 -14.66 -16.99 29.29
CA GLN A 258 -16.04 -16.55 29.21
C GLN A 258 -15.99 -15.06 28.89
N ASN A 259 -16.62 -14.68 27.78
CA ASN A 259 -16.62 -13.30 27.30
C ASN A 259 -18.05 -12.77 27.33
N PHE A 260 -18.21 -11.54 27.80
CA PHE A 260 -19.51 -10.90 27.86
C PHE A 260 -19.35 -9.46 27.41
N GLU A 261 -20.25 -9.00 26.53
CA GLU A 261 -20.34 -7.61 26.10
C GLU A 261 -21.80 -7.20 26.07
N VAL A 262 -22.08 -5.98 26.52
CA VAL A 262 -23.44 -5.44 26.47
C VAL A 262 -23.35 -3.93 26.25
N VAL A 263 -24.28 -3.38 25.46
CA VAL A 263 -24.23 -1.96 25.10
C VAL A 263 -25.64 -1.40 25.02
N ALA A 264 -25.78 -0.12 25.36
CA ALA A 264 -27.03 0.61 25.22
C ALA A 264 -26.74 1.97 24.60
N GLN A 265 -27.52 2.34 23.58
CA GLN A 265 -27.38 3.62 22.90
C GLN A 265 -28.75 4.17 22.56
N TYR A 266 -28.81 5.49 22.35
CA TYR A 266 -30.01 6.18 21.92
C TYR A 266 -29.64 7.18 20.82
N GLN A 267 -30.48 7.29 19.80
CA GLN A 267 -30.22 8.19 18.69
C GLN A 267 -31.21 9.35 18.74
N PHE A 268 -30.72 10.56 19.02
CA PHE A 268 -31.52 11.76 18.94
C PHE A 268 -31.64 12.25 17.50
N ASP A 269 -32.76 12.89 17.19
CA ASP A 269 -33.04 13.29 15.82
C ASP A 269 -32.06 14.34 15.31
N PHE A 270 -31.47 15.14 16.19
CA PHE A 270 -30.55 16.17 15.70
C PHE A 270 -29.14 15.64 15.44
N GLY A 271 -28.82 14.42 15.89
CA GLY A 271 -27.53 13.84 15.53
C GLY A 271 -26.76 13.15 16.63
N LEU A 272 -27.06 13.43 17.90
CA LEU A 272 -26.27 12.90 19.01
C LEU A 272 -26.64 11.44 19.32
N ARG A 273 -25.61 10.59 19.48
CA ARG A 273 -25.79 9.17 19.80
C ARG A 273 -24.95 8.79 21.00
N PRO A 274 -25.43 9.07 22.21
CA PRO A 274 -24.71 8.62 23.41
C PRO A 274 -24.71 7.10 23.52
N SER A 275 -23.78 6.59 24.32
CA SER A 275 -23.49 5.15 24.33
C SER A 275 -22.86 4.75 25.65
N VAL A 276 -23.35 3.65 26.25
CA VAL A 276 -22.75 3.07 27.45
C VAL A 276 -22.56 1.58 27.24
N ALA A 277 -21.44 1.04 27.72
CA ALA A 277 -21.13 -0.36 27.45
C ALA A 277 -20.30 -0.97 28.57
N TYR A 278 -20.39 -2.30 28.67
CA TYR A 278 -19.53 -3.07 29.57
C TYR A 278 -19.03 -4.30 28.82
N LEU A 279 -17.72 -4.56 28.93
CA LEU A 279 -17.08 -5.70 28.29
C LEU A 279 -16.18 -6.38 29.30
N GLN A 280 -16.21 -7.71 29.35
CA GLN A 280 -15.25 -8.44 30.15
C GLN A 280 -14.93 -9.76 29.46
N SER A 281 -13.74 -10.27 29.79
CA SER A 281 -13.25 -11.56 29.32
C SER A 281 -12.51 -12.22 30.48
N LYS A 282 -13.03 -13.37 30.94
CA LYS A 282 -12.50 -14.08 32.10
C LYS A 282 -11.81 -15.35 31.63
N GLY A 283 -10.52 -15.46 31.92
CA GLY A 283 -9.73 -16.62 31.52
C GLY A 283 -9.57 -17.58 32.67
N LYS A 284 -9.74 -18.87 32.38
CA LYS A 284 -9.74 -19.92 33.38
C LYS A 284 -8.66 -20.95 33.06
N ASP A 285 -8.12 -21.57 34.12
CA ASP A 285 -7.25 -22.74 34.00
C ASP A 285 -5.95 -22.43 33.26
N LEU A 286 -5.39 -21.25 33.52
CA LEU A 286 -4.15 -20.86 32.86
C LEU A 286 -2.95 -21.53 33.54
N GLU A 287 -1.97 -21.93 32.73
CA GLU A 287 -0.79 -22.62 33.23
C GLU A 287 0.16 -21.63 33.94
N ARG A 288 1.32 -22.15 34.37
CA ARG A 288 2.40 -21.36 34.98
C ARG A 288 1.96 -20.65 36.26
N GLY A 289 0.90 -21.13 36.91
CA GLY A 289 0.42 -20.53 38.13
C GLY A 289 -0.52 -19.35 37.97
N TYR A 290 -0.88 -18.98 36.75
CA TYR A 290 -1.78 -17.84 36.58
C TYR A 290 -3.20 -18.18 36.98
N GLY A 291 -3.65 -19.38 36.65
CA GLY A 291 -4.97 -19.84 37.02
C GLY A 291 -6.10 -19.04 36.37
N ASP A 292 -6.95 -18.43 37.21
CA ASP A 292 -8.06 -17.64 36.74
C ASP A 292 -7.66 -16.16 36.73
N GLN A 293 -7.76 -15.52 35.56
CA GLN A 293 -7.30 -14.16 35.36
C GLN A 293 -8.32 -13.38 34.55
N ASP A 294 -8.49 -12.10 34.89
CA ASP A 294 -9.24 -11.19 34.04
C ASP A 294 -8.38 -10.84 32.82
N ILE A 295 -8.89 -11.10 31.62
CA ILE A 295 -8.17 -10.71 30.41
C ILE A 295 -8.58 -9.32 29.95
N LEU A 296 -9.83 -8.96 30.19
CA LEU A 296 -10.41 -7.69 29.77
C LEU A 296 -11.53 -7.38 30.75
N LYS A 297 -11.64 -6.09 31.11
CA LYS A 297 -12.72 -5.66 32.01
C LYS A 297 -12.79 -4.15 31.95
N TYR A 298 -13.80 -3.60 31.28
CA TYR A 298 -13.92 -2.16 31.30
C TYR A 298 -15.36 -1.74 31.04
N VAL A 299 -15.64 -0.52 31.48
CA VAL A 299 -16.89 0.17 31.19
C VAL A 299 -16.56 1.29 30.21
N ASP A 300 -17.43 1.50 29.25
CA ASP A 300 -17.20 2.45 28.18
C ASP A 300 -18.35 3.44 28.14
N VAL A 301 -18.02 4.73 28.03
CA VAL A 301 -19.03 5.77 27.92
C VAL A 301 -18.55 6.76 26.88
N GLY A 302 -19.40 7.04 25.90
CA GLY A 302 -19.03 7.98 24.87
C GLY A 302 -20.24 8.42 24.09
N ALA A 303 -19.99 9.12 22.98
CA ALA A 303 -21.05 9.65 22.15
C ALA A 303 -20.50 10.03 20.78
N THR A 304 -21.31 9.81 19.75
CA THR A 304 -21.01 10.22 18.40
C THR A 304 -22.00 11.29 18.00
N TYR A 305 -21.53 12.35 17.34
CA TYR A 305 -22.40 13.32 16.72
C TYR A 305 -22.27 13.19 15.21
N TYR A 306 -23.38 12.87 14.55
CA TYR A 306 -23.43 12.77 13.09
C TYR A 306 -23.88 14.10 12.52
N PHE A 307 -22.99 14.76 11.76
CA PHE A 307 -23.38 15.96 11.02
C PHE A 307 -24.29 15.60 9.84
N ASN A 308 -23.94 14.54 9.12
CA ASN A 308 -24.78 13.96 8.08
C ASN A 308 -24.22 12.56 7.83
N LYS A 309 -24.57 11.95 6.70
CA LYS A 309 -24.10 10.60 6.43
C LYS A 309 -22.62 10.56 6.05
N ASN A 310 -21.99 11.71 5.84
CA ASN A 310 -20.61 11.74 5.40
C ASN A 310 -19.65 12.32 6.43
N MET A 311 -20.14 12.75 7.59
CA MET A 311 -19.25 13.44 8.53
C MET A 311 -19.72 13.27 9.96
N SER A 312 -18.81 12.89 10.85
CA SER A 312 -19.19 12.71 12.23
C SER A 312 -18.01 13.06 13.12
N THR A 313 -18.29 13.16 14.41
CA THR A 313 -17.25 13.39 15.39
C THR A 313 -17.63 12.65 16.66
N TYR A 314 -16.63 12.30 17.47
CA TYR A 314 -16.99 11.50 18.63
C TYR A 314 -15.99 11.66 19.76
N VAL A 315 -16.45 11.21 20.93
CA VAL A 315 -15.62 11.05 22.11
C VAL A 315 -15.94 9.68 22.71
N ASP A 316 -14.90 8.99 23.18
CA ASP A 316 -15.08 7.69 23.81
C ASP A 316 -14.18 7.60 25.03
N TYR A 317 -14.74 7.09 26.12
CA TYR A 317 -14.06 6.99 27.40
C TYR A 317 -14.09 5.54 27.83
N LYS A 318 -12.93 4.90 27.77
CA LYS A 318 -12.75 3.55 28.30
C LYS A 318 -12.33 3.72 29.76
N ILE A 319 -13.16 3.21 30.68
CA ILE A 319 -12.83 3.21 32.09
C ILE A 319 -12.41 1.78 32.43
N ASN A 320 -11.11 1.58 32.57
CA ASN A 320 -10.50 0.26 32.63
C ASN A 320 -10.52 -0.21 34.07
N LEU A 321 -11.12 -1.37 34.31
CA LEU A 321 -11.24 -1.91 35.65
C LEU A 321 -10.21 -3.00 35.95
N LEU A 322 -9.34 -3.31 35.01
CA LEU A 322 -8.31 -4.31 35.27
C LEU A 322 -7.33 -3.80 36.31
N ASP A 323 -6.89 -4.70 37.18
CA ASP A 323 -5.85 -4.38 38.15
C ASP A 323 -4.49 -4.77 37.60
N ASP A 324 -3.48 -3.99 37.95
CA ASP A 324 -2.10 -4.31 37.58
C ASP A 324 -1.61 -5.51 38.39
N ASN A 325 -1.10 -6.53 37.70
CA ASN A 325 -0.54 -7.69 38.39
C ASN A 325 0.48 -8.36 37.49
N SER A 326 1.05 -9.45 37.99
CA SER A 326 2.05 -10.19 37.24
C SER A 326 1.53 -10.66 35.89
N PHE A 327 0.24 -11.01 35.82
CA PHE A 327 -0.31 -11.52 34.57
C PHE A 327 -0.45 -10.41 33.53
N THR A 328 -1.13 -9.31 33.87
CA THR A 328 -1.27 -8.21 32.91
C THR A 328 0.09 -7.68 32.46
N ARG A 329 1.08 -7.64 33.37
CA ARG A 329 2.40 -7.15 33.01
C ARG A 329 3.12 -8.10 32.06
N ASN A 330 3.19 -9.39 32.39
CA ASN A 330 3.89 -10.33 31.53
C ASN A 330 3.17 -10.53 30.19
N ALA A 331 1.86 -10.37 30.19
CA ALA A 331 1.06 -10.56 28.99
C ALA A 331 0.97 -9.32 28.11
N GLY A 332 1.32 -8.15 28.62
CA GLY A 332 1.20 -6.94 27.84
C GLY A 332 -0.21 -6.40 27.73
N ILE A 333 -1.03 -6.59 28.76
CA ILE A 333 -2.42 -6.16 28.74
C ILE A 333 -2.52 -4.81 29.44
N SER A 334 -3.23 -3.87 28.82
CA SER A 334 -3.32 -2.51 29.34
C SER A 334 -4.37 -2.46 30.43
N THR A 335 -4.03 -1.85 31.56
CA THR A 335 -4.98 -1.60 32.65
C THR A 335 -5.30 -0.12 32.82
N ASP A 336 -4.87 0.74 31.89
CA ASP A 336 -5.14 2.16 32.01
C ASP A 336 -6.43 2.58 31.28
N ASP A 337 -6.98 3.71 31.71
CA ASP A 337 -8.08 4.35 31.01
C ASP A 337 -7.58 5.00 29.72
N VAL A 338 -8.49 5.15 28.76
CA VAL A 338 -8.21 5.86 27.52
C VAL A 338 -9.37 6.79 27.20
N VAL A 339 -9.06 7.99 26.67
CA VAL A 339 -10.05 8.88 26.06
C VAL A 339 -9.73 9.02 24.57
N ALA A 340 -10.73 8.81 23.73
CA ALA A 340 -10.59 8.97 22.28
C ALA A 340 -11.39 10.17 21.80
N LEU A 341 -10.75 10.99 20.97
CA LEU A 341 -11.40 12.06 20.23
C LEU A 341 -11.14 11.85 18.74
N GLY A 342 -12.22 11.86 17.96
CA GLY A 342 -12.11 11.62 16.53
C GLY A 342 -13.00 12.52 15.71
N LEU A 343 -12.54 12.83 14.50
CA LEU A 343 -13.32 13.55 13.50
C LEU A 343 -13.20 12.77 12.20
N VAL A 344 -14.33 12.42 11.59
CA VAL A 344 -14.40 11.37 10.59
C VAL A 344 -15.13 11.87 9.34
N TYR A 345 -14.41 11.89 8.22
CA TYR A 345 -14.99 12.08 6.89
C TYR A 345 -15.17 10.72 6.24
N GLN A 346 -16.38 10.44 5.75
CA GLN A 346 -16.72 9.16 5.14
C GLN A 346 -17.14 9.39 3.69
N PHE A 347 -16.74 8.48 2.81
CA PHE A 347 -17.25 8.50 1.46
C PHE A 347 -17.81 7.12 1.12
N GLY B 1 -11.37 -3.18 -17.78
CA GLY B 1 -11.29 -1.90 -17.09
C GLY B 1 -12.60 -1.13 -17.09
N ALA B 2 -12.73 -0.22 -16.12
CA ALA B 2 -13.91 0.64 -15.98
C ALA B 2 -13.48 2.09 -16.18
N GLU B 3 -13.87 2.67 -17.31
CA GLU B 3 -13.67 4.10 -17.54
C GLU B 3 -14.45 4.92 -16.52
N ILE B 4 -13.77 5.50 -15.53
CA ILE B 4 -14.46 6.31 -14.53
C ILE B 4 -14.35 7.80 -14.80
N TYR B 5 -13.57 8.21 -15.78
CA TYR B 5 -13.45 9.63 -16.09
C TYR B 5 -13.15 9.76 -17.58
N ASN B 6 -13.90 10.64 -18.25
CA ASN B 6 -13.67 10.91 -19.67
C ASN B 6 -14.29 12.29 -19.94
N LYS B 7 -13.44 13.31 -20.03
CA LYS B 7 -13.93 14.67 -20.15
C LYS B 7 -12.82 15.56 -20.70
N ASP B 8 -13.15 16.32 -21.75
CA ASP B 8 -12.28 17.35 -22.29
C ASP B 8 -10.91 16.77 -22.68
N GLY B 9 -10.95 15.64 -23.39
CA GLY B 9 -9.75 15.02 -23.92
C GLY B 9 -8.96 14.15 -22.95
N ASN B 10 -9.41 14.03 -21.70
CA ASN B 10 -8.73 13.24 -20.68
C ASN B 10 -9.59 12.07 -20.24
N LYS B 11 -8.98 10.89 -20.15
CA LYS B 11 -9.67 9.65 -19.81
C LYS B 11 -8.90 8.88 -18.73
N LEU B 12 -9.64 8.28 -17.80
CA LEU B 12 -9.06 7.49 -16.72
C LEU B 12 -9.83 6.18 -16.59
N ASP B 13 -9.11 5.06 -16.65
CA ASP B 13 -9.69 3.74 -16.48
C ASP B 13 -9.23 3.17 -15.16
N LEU B 14 -10.18 2.67 -14.38
CA LEU B 14 -9.88 1.92 -13.16
C LEU B 14 -10.10 0.45 -13.50
N TYR B 15 -9.12 -0.39 -13.16
CA TYR B 15 -9.22 -1.82 -13.43
C TYR B 15 -8.63 -2.60 -12.26
N GLY B 16 -8.89 -3.90 -12.26
CA GLY B 16 -8.35 -4.78 -11.25
C GLY B 16 -9.13 -6.08 -11.17
N LYS B 17 -8.80 -6.85 -10.14
CA LYS B 17 -9.51 -8.09 -9.90
C LYS B 17 -9.30 -8.52 -8.46
N ILE B 18 -10.20 -9.38 -8.00
CA ILE B 18 -10.10 -10.04 -6.70
C ILE B 18 -10.17 -11.53 -6.98
N ASP B 19 -9.11 -12.25 -6.60
CA ASP B 19 -8.96 -13.67 -6.91
C ASP B 19 -9.01 -14.45 -5.60
N GLY B 20 -10.16 -15.06 -5.34
CA GLY B 20 -10.27 -15.95 -4.21
C GLY B 20 -9.66 -17.27 -4.63
N LEU B 21 -8.46 -17.56 -4.12
CA LEU B 21 -7.59 -18.56 -4.71
C LEU B 21 -7.01 -19.46 -3.62
N HIS B 22 -7.01 -20.77 -3.85
CA HIS B 22 -6.42 -21.72 -2.90
C HIS B 22 -5.58 -22.78 -3.62
N TYR B 23 -4.37 -23.04 -3.10
CA TYR B 23 -3.45 -24.05 -3.62
C TYR B 23 -3.47 -25.33 -2.78
N PHE B 24 -3.48 -26.49 -3.44
CA PHE B 24 -3.32 -27.78 -2.78
C PHE B 24 -2.01 -28.43 -3.24
N SER B 25 -1.14 -28.77 -2.29
CA SER B 25 0.19 -29.25 -2.66
C SER B 25 0.87 -29.85 -1.43
N ASP B 26 1.66 -30.90 -1.66
CA ASP B 26 2.52 -31.40 -0.58
C ASP B 26 3.68 -30.45 -0.29
N ASP B 27 4.03 -29.55 -1.21
CA ASP B 27 5.02 -28.53 -0.91
C ASP B 27 4.38 -27.48 0.00
N LYS B 28 4.79 -27.47 1.27
CA LYS B 28 4.17 -26.60 2.26
C LYS B 28 4.51 -25.13 2.07
N SER B 29 5.45 -24.78 1.20
CA SER B 29 5.71 -23.37 0.89
C SER B 29 4.82 -22.84 -0.23
N VAL B 30 4.08 -23.74 -0.88
CA VAL B 30 3.13 -23.41 -1.93
C VAL B 30 1.68 -23.62 -1.47
N ASP B 31 1.46 -24.56 -0.56
CA ASP B 31 0.14 -25.01 -0.16
C ASP B 31 -0.61 -23.96 0.67
N GLY B 32 -1.94 -23.96 0.54
CA GLY B 32 -2.81 -23.14 1.36
C GLY B 32 -3.42 -21.97 0.59
N ASP B 33 -3.96 -21.03 1.37
CA ASP B 33 -4.67 -19.87 0.81
C ASP B 33 -3.72 -18.95 0.05
N GLN B 34 -4.13 -18.56 -1.16
CA GLN B 34 -3.34 -17.69 -2.03
C GLN B 34 -4.12 -16.47 -2.51
N THR B 35 -5.20 -16.09 -1.80
CA THR B 35 -6.05 -14.97 -2.22
C THR B 35 -5.26 -13.66 -2.32
N TYR B 36 -5.56 -12.88 -3.36
CA TYR B 36 -4.89 -11.62 -3.63
C TYR B 36 -5.81 -10.77 -4.52
N MET B 37 -5.47 -9.49 -4.63
CA MET B 37 -6.17 -8.63 -5.57
C MET B 37 -5.16 -7.76 -6.30
N ARG B 38 -5.58 -7.27 -7.47
CA ARG B 38 -4.82 -6.28 -8.23
C ARG B 38 -5.70 -5.06 -8.45
N VAL B 39 -5.09 -3.89 -8.45
CA VAL B 39 -5.78 -2.65 -8.78
C VAL B 39 -4.81 -1.78 -9.58
N GLY B 40 -5.35 -1.11 -10.59
CA GLY B 40 -4.54 -0.26 -11.42
C GLY B 40 -5.39 0.84 -12.05
N VAL B 41 -4.68 1.82 -12.62
CA VAL B 41 -5.28 2.91 -13.38
C VAL B 41 -4.49 3.08 -14.67
N LYS B 42 -5.21 3.33 -15.76
CA LYS B 42 -4.68 3.66 -17.07
C LYS B 42 -5.28 5.02 -17.44
N GLY B 43 -4.43 6.00 -17.69
CA GLY B 43 -4.87 7.32 -18.07
C GLY B 43 -4.25 7.74 -19.40
N GLU B 44 -4.98 8.56 -20.13
CA GLU B 44 -4.60 9.01 -21.45
C GLU B 44 -5.04 10.46 -21.62
N THR B 45 -4.18 11.30 -22.18
CA THR B 45 -4.52 12.70 -22.39
C THR B 45 -4.17 13.10 -23.82
N GLN B 46 -5.12 13.71 -24.51
CA GLN B 46 -4.89 14.26 -25.84
C GLN B 46 -4.10 15.57 -25.71
N ILE B 47 -2.89 15.62 -26.27
CA ILE B 47 -2.09 16.83 -26.24
C ILE B 47 -2.35 17.62 -27.51
N ASN B 48 -2.10 17.02 -28.68
CA ASN B 48 -2.51 17.64 -29.93
C ASN B 48 -2.90 16.53 -30.90
N ASP B 49 -3.01 16.88 -32.19
CA ASP B 49 -3.51 15.91 -33.16
C ASP B 49 -2.54 14.76 -33.36
N GLN B 50 -1.25 14.98 -33.13
CA GLN B 50 -0.23 13.95 -33.35
C GLN B 50 0.44 13.50 -32.06
N LEU B 51 -0.05 13.90 -30.90
CA LEU B 51 0.63 13.59 -29.66
C LEU B 51 -0.38 13.29 -28.57
N THR B 52 -0.27 12.12 -27.98
CA THR B 52 -1.06 11.71 -26.83
C THR B 52 -0.11 11.32 -25.69
N GLY B 53 -0.46 11.71 -24.47
CA GLY B 53 0.30 11.36 -23.28
C GLY B 53 -0.44 10.30 -22.48
N TYR B 54 0.31 9.45 -21.80
CA TYR B 54 -0.36 8.39 -21.05
C TYR B 54 0.45 7.97 -19.84
N GLY B 55 -0.24 7.36 -18.89
CA GLY B 55 0.40 6.74 -17.74
C GLY B 55 -0.38 5.53 -17.29
N GLN B 56 0.33 4.60 -16.63
CA GLN B 56 -0.31 3.42 -16.10
C GLN B 56 0.38 2.97 -14.83
N TRP B 57 -0.43 2.54 -13.86
CA TRP B 57 0.00 2.02 -12.57
C TRP B 57 -0.76 0.73 -12.30
N GLU B 58 -0.06 -0.29 -11.83
CA GLU B 58 -0.67 -1.57 -11.49
C GLU B 58 -0.08 -2.06 -10.17
N TYR B 59 -0.96 -2.38 -9.22
CA TYR B 59 -0.59 -2.66 -7.84
C TYR B 59 -1.09 -4.04 -7.45
N ASN B 60 -0.22 -4.83 -6.80
CA ASN B 60 -0.57 -6.15 -6.28
C ASN B 60 -0.69 -6.08 -4.77
N VAL B 61 -1.81 -6.58 -4.25
CA VAL B 61 -2.09 -6.58 -2.82
C VAL B 61 -2.43 -8.01 -2.42
N GLN B 62 -1.51 -8.67 -1.72
CA GLN B 62 -1.79 -9.98 -1.15
C GLN B 62 -2.87 -9.88 -0.09
N ALA B 63 -3.72 -10.91 -0.02
CA ALA B 63 -4.76 -10.93 0.99
C ALA B 63 -4.82 -12.28 1.69
N ASN B 64 -3.72 -13.04 1.65
CA ASN B 64 -3.69 -14.38 2.22
C ASN B 64 -2.95 -14.45 3.54
N ASN B 65 -2.44 -13.34 4.05
CA ASN B 65 -1.78 -13.34 5.36
C ASN B 65 -2.45 -12.33 6.29
N THR B 66 -1.89 -12.16 7.48
CA THR B 66 -2.58 -11.43 8.54
C THR B 66 -2.40 -9.93 8.40
N GLU B 67 -3.10 -9.21 9.27
CA GLU B 67 -3.03 -7.76 9.25
C GLU B 67 -1.75 -7.24 9.89
N SER B 68 -0.96 -8.09 10.56
CA SER B 68 0.34 -7.71 11.09
C SER B 68 1.51 -8.17 10.22
N SER B 69 1.23 -8.87 9.11
CA SER B 69 2.28 -9.40 8.26
C SER B 69 2.91 -8.29 7.43
N SER B 70 4.15 -8.52 6.98
CA SER B 70 4.95 -7.49 6.32
C SER B 70 5.04 -7.69 4.81
N ASP B 71 5.11 -6.57 4.11
CA ASP B 71 5.41 -6.50 2.68
C ASP B 71 4.42 -7.31 1.85
N GLN B 72 3.14 -6.99 2.02
CA GLN B 72 2.05 -7.71 1.38
C GLN B 72 1.52 -7.01 0.15
N ALA B 73 2.11 -5.88 -0.23
CA ALA B 73 1.66 -5.14 -1.42
C ALA B 73 2.87 -4.62 -2.18
N TRP B 74 2.76 -4.54 -3.50
CA TRP B 74 3.87 -4.06 -4.30
C TRP B 74 3.38 -3.63 -5.69
N THR B 75 4.15 -2.72 -6.29
CA THR B 75 3.84 -2.19 -7.61
C THR B 75 4.35 -3.13 -8.68
N ARG B 76 3.47 -3.49 -9.61
CA ARG B 76 3.88 -4.29 -10.76
C ARG B 76 4.33 -3.42 -11.92
N LEU B 77 3.61 -2.32 -12.17
CA LEU B 77 3.86 -1.41 -13.27
C LEU B 77 3.65 0.02 -12.80
N ALA B 78 4.52 0.91 -13.27
CA ALA B 78 4.30 2.35 -13.12
C ALA B 78 5.13 3.04 -14.20
N PHE B 79 4.47 3.53 -15.24
CA PHE B 79 5.19 4.20 -16.31
C PHE B 79 4.35 5.35 -16.86
N ALA B 80 5.04 6.31 -17.45
CA ALA B 80 4.45 7.44 -18.14
C ALA B 80 5.03 7.48 -19.55
N GLY B 81 4.23 7.94 -20.51
CA GLY B 81 4.69 7.88 -21.88
C GLY B 81 4.06 8.91 -22.79
N LEU B 82 4.61 8.97 -24.00
CA LEU B 82 4.07 9.77 -25.08
C LEU B 82 3.90 8.91 -26.33
N LYS B 83 2.79 9.14 -27.03
CA LYS B 83 2.47 8.43 -28.27
C LYS B 83 2.40 9.45 -29.41
N PHE B 84 3.32 9.32 -30.37
CA PHE B 84 3.42 10.26 -31.50
C PHE B 84 2.82 9.60 -32.73
N GLY B 85 1.49 9.57 -32.78
CA GLY B 85 0.75 9.07 -33.93
C GLY B 85 1.24 7.74 -34.49
N ASP B 86 1.70 7.75 -35.74
CA ASP B 86 2.29 6.59 -36.38
C ASP B 86 3.81 6.57 -36.29
N ALA B 87 4.43 7.58 -35.67
CA ALA B 87 5.86 7.58 -35.46
C ALA B 87 6.27 6.75 -34.25
N GLY B 88 5.32 6.25 -33.47
CA GLY B 88 5.60 5.37 -32.35
C GLY B 88 5.17 5.88 -30.99
N SER B 89 5.66 5.23 -29.94
CA SER B 89 5.42 5.64 -28.57
C SER B 89 6.72 5.47 -27.79
N PHE B 90 6.83 6.21 -26.69
CA PHE B 90 7.97 6.10 -25.79
C PHE B 90 7.49 6.19 -24.35
N ASP B 91 7.93 5.27 -23.49
CA ASP B 91 7.57 5.37 -22.08
C ASP B 91 8.76 4.98 -21.22
N TYR B 92 8.71 5.44 -19.97
CA TYR B 92 9.75 5.13 -18.99
C TYR B 92 9.13 4.85 -17.63
N GLY B 93 9.71 3.90 -16.91
CA GLY B 93 9.33 3.58 -15.55
C GLY B 93 9.51 2.08 -15.29
N ARG B 94 8.65 1.54 -14.42
CA ARG B 94 8.59 0.10 -14.23
C ARG B 94 7.62 -0.48 -15.26
N ASN B 95 8.15 -1.29 -16.18
CA ASN B 95 7.35 -1.84 -17.27
C ASN B 95 7.90 -3.22 -17.66
N TYR B 96 7.22 -3.88 -18.61
CA TYR B 96 7.67 -5.18 -19.07
C TYR B 96 8.91 -5.06 -19.95
N GLY B 97 9.89 -5.93 -19.72
CA GLY B 97 10.96 -6.08 -20.68
C GLY B 97 10.45 -6.63 -22.00
N VAL B 98 11.04 -6.16 -23.09
CA VAL B 98 10.52 -6.49 -24.41
C VAL B 98 10.68 -7.96 -24.78
N VAL B 99 11.44 -8.74 -24.01
CA VAL B 99 11.40 -10.19 -24.20
C VAL B 99 9.99 -10.72 -23.97
N TYR B 100 9.28 -10.15 -23.00
CA TYR B 100 7.90 -10.57 -22.76
C TYR B 100 7.00 -10.31 -23.95
N ASP B 101 7.36 -9.39 -24.86
CA ASP B 101 6.56 -9.19 -26.07
C ASP B 101 6.31 -10.50 -26.81
N VAL B 102 7.25 -11.44 -26.71
CA VAL B 102 7.12 -12.75 -27.33
C VAL B 102 6.69 -13.80 -26.31
N THR B 103 7.42 -13.94 -25.20
CA THR B 103 7.09 -15.02 -24.25
C THR B 103 5.69 -14.86 -23.67
N SER B 104 5.12 -13.66 -23.70
CA SER B 104 3.74 -13.52 -23.22
C SER B 104 2.75 -14.38 -24.01
N TRP B 105 3.14 -14.89 -25.18
CA TRP B 105 2.21 -15.69 -25.98
C TRP B 105 1.87 -17.01 -25.29
N THR B 106 2.74 -17.52 -24.43
CA THR B 106 2.46 -18.76 -23.69
C THR B 106 2.03 -18.49 -22.24
N ASP B 107 1.95 -17.22 -21.84
CA ASP B 107 1.52 -16.85 -20.49
C ASP B 107 -0.01 -16.75 -20.48
N VAL B 108 -0.67 -17.90 -20.69
CA VAL B 108 -2.12 -17.90 -20.82
C VAL B 108 -2.75 -19.03 -20.01
N LEU B 109 -1.99 -19.59 -19.07
CA LEU B 109 -2.50 -20.74 -18.33
C LEU B 109 -3.61 -20.27 -17.36
N PRO B 110 -4.48 -21.19 -16.93
CA PRO B 110 -5.53 -20.77 -16.00
C PRO B 110 -4.96 -20.14 -14.73
N GLU B 111 -3.83 -20.63 -14.23
CA GLU B 111 -3.25 -20.07 -13.02
C GLU B 111 -1.73 -20.00 -13.07
N PHE B 112 -1.09 -21.07 -13.50
CA PHE B 112 0.36 -21.16 -13.42
C PHE B 112 0.97 -20.58 -14.70
N GLY B 113 2.24 -20.88 -14.96
CA GLY B 113 2.91 -20.29 -16.11
C GLY B 113 3.40 -18.88 -15.81
N GLY B 114 3.96 -18.25 -16.84
CA GLY B 114 4.34 -16.85 -16.76
C GLY B 114 5.55 -16.62 -15.86
N ASP B 115 5.65 -15.42 -15.30
CA ASP B 115 6.80 -15.14 -14.47
C ASP B 115 6.76 -16.02 -13.21
N GLY B 116 7.94 -16.42 -12.75
CA GLY B 116 8.12 -17.41 -11.72
C GLY B 116 8.47 -18.79 -12.23
N ASP B 117 8.27 -19.07 -13.52
CA ASP B 117 8.54 -20.39 -14.07
C ASP B 117 9.83 -20.43 -14.87
N THR B 118 9.80 -20.19 -16.19
CA THR B 118 11.07 -20.24 -16.92
C THR B 118 11.86 -18.94 -16.77
N TYR B 119 11.20 -17.84 -16.40
CA TYR B 119 11.85 -16.56 -16.13
C TYR B 119 11.16 -15.96 -14.91
N GLY B 120 11.71 -14.83 -14.42
CA GLY B 120 11.16 -14.18 -13.25
C GLY B 120 10.94 -12.69 -13.52
N SER B 121 10.33 -12.04 -12.54
CA SER B 121 10.27 -10.59 -12.52
C SER B 121 11.56 -10.03 -11.93
N ASP B 122 11.89 -8.80 -12.32
CA ASP B 122 13.16 -8.15 -11.96
C ASP B 122 14.34 -9.07 -12.31
N ASN B 123 14.30 -9.56 -13.54
CA ASN B 123 15.15 -10.64 -14.03
C ASN B 123 15.65 -10.15 -15.39
N PHE B 124 16.51 -9.13 -15.36
CA PHE B 124 16.98 -8.43 -16.58
C PHE B 124 15.73 -7.94 -17.31
N LEU B 125 15.62 -8.16 -18.62
CA LEU B 125 14.50 -7.66 -19.43
C LEU B 125 13.50 -8.77 -19.78
N GLN B 126 13.37 -9.79 -18.96
CA GLN B 126 12.51 -10.91 -19.32
C GLN B 126 11.07 -10.73 -18.87
N SER B 127 10.82 -9.87 -17.87
CA SER B 127 9.49 -9.60 -17.35
C SER B 127 9.42 -8.16 -16.84
N ARG B 128 8.61 -7.91 -15.81
CA ARG B 128 8.56 -6.57 -15.24
C ARG B 128 9.91 -6.18 -14.65
N ALA B 129 10.24 -4.89 -14.76
CA ALA B 129 11.63 -4.46 -14.59
C ALA B 129 11.65 -2.98 -14.24
N ASN B 130 12.61 -2.59 -13.38
CA ASN B 130 12.74 -1.18 -13.02
C ASN B 130 13.59 -0.45 -14.06
N GLY B 131 13.21 0.79 -14.32
CA GLY B 131 14.07 1.69 -15.07
C GLY B 131 14.16 1.42 -16.55
N VAL B 132 13.08 0.94 -17.18
CA VAL B 132 13.13 0.60 -18.59
C VAL B 132 12.58 1.76 -19.40
N ALA B 133 13.31 2.14 -20.44
CA ALA B 133 12.88 3.09 -21.45
C ALA B 133 12.61 2.31 -22.73
N THR B 134 11.41 2.46 -23.27
CA THR B 134 10.90 1.59 -24.32
C THR B 134 10.37 2.43 -25.46
N TYR B 135 10.97 2.27 -26.64
CA TYR B 135 10.41 2.82 -27.87
C TYR B 135 9.69 1.69 -28.60
N ARG B 136 8.45 1.95 -29.02
CA ARG B 136 7.65 0.97 -29.74
C ARG B 136 7.09 1.59 -31.01
N ASN B 137 6.92 0.74 -32.02
CA ASN B 137 6.34 1.16 -33.29
C ASN B 137 5.42 0.05 -33.79
N SER B 138 4.16 0.40 -34.04
CA SER B 138 3.12 -0.54 -34.42
C SER B 138 2.78 -0.38 -35.90
N ASP B 139 2.69 -1.52 -36.60
CA ASP B 139 2.44 -1.55 -38.04
C ASP B 139 3.52 -0.82 -38.82
N PHE B 140 4.74 -0.82 -38.28
CA PHE B 140 5.93 -0.23 -38.89
C PHE B 140 5.61 1.09 -39.59
N PHE B 141 5.42 2.16 -38.80
CA PHE B 141 5.20 3.51 -39.30
C PHE B 141 3.93 3.66 -40.11
N GLY B 142 2.97 2.74 -39.93
CA GLY B 142 1.77 2.73 -40.74
C GLY B 142 1.92 2.12 -42.11
N LEU B 143 3.10 1.58 -42.45
CA LEU B 143 3.31 0.97 -43.75
C LEU B 143 2.80 -0.46 -43.81
N VAL B 144 3.08 -1.25 -42.77
CA VAL B 144 2.95 -2.71 -42.84
C VAL B 144 2.03 -3.16 -41.72
N ASP B 145 0.75 -3.39 -42.04
CA ASP B 145 -0.22 -3.78 -41.02
C ASP B 145 0.14 -5.13 -40.42
N GLY B 146 0.45 -5.14 -39.13
CA GLY B 146 0.74 -6.36 -38.40
C GLY B 146 2.19 -6.53 -38.00
N LEU B 147 3.07 -5.60 -38.33
CA LEU B 147 4.50 -5.72 -38.03
C LEU B 147 4.87 -4.72 -36.94
N ASN B 148 5.28 -5.25 -35.78
CA ASN B 148 5.58 -4.46 -34.60
C ASN B 148 7.02 -4.66 -34.15
N PHE B 149 7.70 -3.58 -33.79
CA PHE B 149 9.01 -3.73 -33.19
C PHE B 149 9.17 -2.78 -32.01
N ALA B 150 10.10 -3.13 -31.12
CA ALA B 150 10.38 -2.37 -29.92
C ALA B 150 11.88 -2.34 -29.68
N LEU B 151 12.37 -1.21 -29.19
CA LEU B 151 13.75 -1.04 -28.75
C LEU B 151 13.72 -0.53 -27.32
N GLN B 152 14.56 -1.11 -26.45
CA GLN B 152 14.45 -0.83 -25.02
C GLN B 152 15.82 -0.69 -24.38
N TYR B 153 15.92 0.23 -23.41
CA TYR B 153 17.15 0.42 -22.65
C TYR B 153 16.83 0.40 -21.16
N GLN B 154 17.72 -0.21 -20.38
CA GLN B 154 17.57 -0.28 -18.92
C GLN B 154 18.88 0.15 -18.28
N GLY B 155 18.79 1.07 -17.33
CA GLY B 155 19.96 1.42 -16.55
C GLY B 155 20.22 0.40 -15.45
N LYS B 156 21.44 0.46 -14.94
CA LYS B 156 21.90 -0.47 -13.91
C LYS B 156 21.03 -0.35 -12.66
N ASN B 157 20.60 -1.50 -12.12
CA ASN B 157 19.97 -1.59 -10.81
C ASN B 157 20.89 -2.44 -9.94
N GLY B 158 21.62 -1.81 -9.02
CA GLY B 158 22.77 -2.43 -8.43
C GLY B 158 22.55 -3.01 -7.05
N SER B 159 23.65 -3.12 -6.31
CA SER B 159 23.62 -3.64 -4.95
C SER B 159 23.07 -2.58 -4.00
N VAL B 160 22.86 -3.00 -2.76
CA VAL B 160 22.39 -2.06 -1.73
C VAL B 160 23.53 -1.11 -1.31
N SER B 161 24.72 -1.64 -1.06
CA SER B 161 25.85 -0.83 -0.60
C SER B 161 27.11 -1.18 -1.37
N GLY B 162 28.16 -0.39 -1.13
CA GLY B 162 29.43 -0.66 -1.77
C GLY B 162 29.51 -0.10 -3.19
N GLU B 163 30.50 -0.61 -3.92
CA GLU B 163 30.90 0.01 -5.19
C GLU B 163 29.83 -0.14 -6.26
N GLY B 164 29.12 -1.26 -6.28
CA GLY B 164 28.14 -1.50 -7.32
C GLY B 164 26.77 -0.99 -6.97
N ALA B 165 26.65 -0.13 -5.97
CA ALA B 165 25.33 0.31 -5.52
C ALA B 165 24.72 1.33 -6.48
N THR B 166 23.39 1.28 -6.54
CA THR B 166 22.51 2.35 -7.01
C THR B 166 21.55 2.72 -5.89
N ASN B 167 20.79 3.81 -6.09
CA ASN B 167 19.85 4.26 -5.06
C ASN B 167 18.87 3.16 -4.69
N ASN B 168 18.49 2.34 -5.67
CA ASN B 168 17.37 1.40 -5.55
C ASN B 168 17.90 -0.03 -5.48
N GLY B 169 18.85 -0.27 -4.61
CA GLY B 169 19.57 -1.53 -4.63
C GLY B 169 18.72 -2.71 -4.20
N ARG B 170 19.16 -3.88 -4.63
CA ARG B 170 18.46 -5.13 -4.32
C ARG B 170 19.50 -6.24 -4.31
N GLY B 171 19.05 -7.46 -4.00
CA GLY B 171 19.94 -8.61 -4.01
C GLY B 171 20.28 -9.07 -5.42
N TRP B 172 21.31 -9.93 -5.50
CA TRP B 172 21.96 -10.31 -6.75
C TRP B 172 21.00 -10.95 -7.75
N SER B 173 20.02 -11.73 -7.27
CA SER B 173 19.09 -12.37 -8.18
C SER B 173 18.21 -11.38 -8.93
N LYS B 174 18.11 -10.14 -8.46
CA LYS B 174 17.25 -9.13 -9.06
C LYS B 174 18.05 -7.93 -9.55
N GLN B 175 19.38 -7.99 -9.49
CA GLN B 175 20.21 -6.92 -9.98
C GLN B 175 20.34 -7.01 -11.50
N ASN B 176 20.78 -5.89 -12.10
CA ASN B 176 21.18 -5.86 -13.49
C ASN B 176 22.12 -4.67 -13.69
N GLY B 177 23.01 -4.79 -14.66
CA GLY B 177 23.75 -3.65 -15.17
C GLY B 177 22.99 -2.96 -16.27
N ASP B 178 23.67 -2.01 -16.94
CA ASP B 178 23.10 -1.39 -18.13
C ASP B 178 22.81 -2.45 -19.18
N GLY B 179 21.69 -2.30 -19.88
CA GLY B 179 21.32 -3.30 -20.87
C GLY B 179 20.35 -2.76 -21.90
N PHE B 180 20.14 -3.59 -22.92
CA PHE B 180 19.19 -3.22 -23.96
C PHE B 180 18.51 -4.46 -24.49
N GLY B 181 17.37 -4.25 -25.16
CA GLY B 181 16.60 -5.34 -25.72
C GLY B 181 15.88 -4.86 -26.97
N THR B 182 15.38 -5.84 -27.73
CA THR B 182 14.70 -5.55 -28.97
C THR B 182 13.75 -6.71 -29.25
N SER B 183 12.63 -6.38 -29.88
CA SER B 183 11.62 -7.38 -30.19
C SER B 183 11.03 -7.07 -31.56
N LEU B 184 10.51 -8.11 -32.19
CA LEU B 184 9.90 -7.97 -33.50
C LEU B 184 8.82 -9.03 -33.60
N THR B 185 7.60 -8.62 -33.92
CA THR B 185 6.51 -9.55 -34.12
C THR B 185 5.76 -9.21 -35.40
N TYR B 186 5.13 -10.22 -35.99
CA TYR B 186 4.52 -10.09 -37.30
C TYR B 186 3.35 -11.06 -37.44
N ASP B 187 2.34 -10.64 -38.20
CA ASP B 187 1.21 -11.50 -38.58
C ASP B 187 1.57 -12.21 -39.88
N ILE B 188 2.14 -13.41 -39.77
CA ILE B 188 2.61 -14.10 -40.97
C ILE B 188 1.45 -14.60 -41.82
N TRP B 189 0.28 -14.80 -41.21
CA TRP B 189 -0.90 -15.23 -41.94
C TRP B 189 -2.13 -14.77 -41.18
N ASP B 190 -3.30 -15.23 -41.64
CA ASP B 190 -4.56 -14.98 -40.94
C ASP B 190 -4.54 -15.74 -39.62
N GLY B 191 -4.44 -14.99 -38.51
CA GLY B 191 -4.43 -15.59 -37.19
C GLY B 191 -3.11 -16.16 -36.72
N ILE B 192 -2.10 -16.25 -37.58
CA ILE B 192 -0.81 -16.83 -37.22
C ILE B 192 0.20 -15.71 -37.04
N SER B 193 1.00 -15.79 -35.98
CA SER B 193 1.96 -14.75 -35.63
C SER B 193 3.31 -15.37 -35.32
N ALA B 194 4.37 -14.65 -35.68
CA ALA B 194 5.73 -15.06 -35.36
C ALA B 194 6.46 -13.90 -34.70
N GLY B 195 7.36 -14.24 -33.79
CA GLY B 195 8.03 -13.22 -33.01
C GLY B 195 9.42 -13.64 -32.60
N PHE B 196 10.29 -12.64 -32.46
CA PHE B 196 11.66 -12.85 -32.04
C PHE B 196 12.03 -11.73 -31.09
N ALA B 197 12.87 -12.03 -30.09
CA ALA B 197 13.28 -11.02 -29.14
C ALA B 197 14.70 -11.30 -28.70
N TYR B 198 15.41 -10.23 -28.35
CA TYR B 198 16.82 -10.29 -27.97
C TYR B 198 17.10 -9.33 -26.82
N SER B 199 17.87 -9.77 -25.84
CA SER B 199 18.33 -8.83 -24.82
C SER B 199 19.79 -9.10 -24.48
N HIS B 200 20.48 -8.03 -24.08
CA HIS B 200 21.88 -8.07 -23.71
C HIS B 200 22.11 -7.07 -22.59
N SER B 201 22.50 -7.55 -21.42
CA SER B 201 22.73 -6.71 -20.27
C SER B 201 24.08 -7.02 -19.65
N LYS B 202 24.69 -5.97 -19.08
CA LYS B 202 25.82 -6.18 -18.19
C LYS B 202 25.35 -6.85 -16.91
N ARG B 203 26.19 -7.73 -16.38
CA ARG B 203 25.96 -8.28 -15.06
C ARG B 203 26.69 -7.41 -14.03
N THR B 204 26.39 -7.66 -12.76
CA THR B 204 26.92 -6.85 -11.67
C THR B 204 27.97 -7.64 -10.89
N ASP B 205 28.79 -6.88 -10.16
CA ASP B 205 29.82 -7.46 -9.32
C ASP B 205 29.27 -8.55 -8.40
N GLU B 206 28.13 -8.28 -7.76
CA GLU B 206 27.65 -9.23 -6.77
C GLU B 206 27.11 -10.50 -7.41
N GLN B 207 26.64 -10.42 -8.66
CA GLN B 207 26.19 -11.62 -9.35
C GLN B 207 27.37 -12.55 -9.67
N ASN B 208 28.57 -11.99 -9.82
CA ASN B 208 29.77 -12.77 -10.11
C ASN B 208 30.61 -13.08 -8.88
N SER B 209 30.07 -12.86 -7.68
CA SER B 209 30.90 -13.04 -6.50
C SER B 209 30.12 -13.59 -5.31
N VAL B 210 28.81 -13.39 -5.26
CA VAL B 210 28.04 -13.83 -4.09
C VAL B 210 27.45 -15.23 -4.29
N PRO B 211 26.70 -15.52 -5.34
CA PRO B 211 26.18 -16.88 -5.49
C PRO B 211 27.25 -17.82 -6.03
N ALA B 212 27.02 -19.12 -5.79
CA ALA B 212 27.95 -20.14 -6.26
C ALA B 212 27.85 -20.36 -7.76
N LEU B 213 26.67 -20.19 -8.33
CA LEU B 213 26.44 -20.61 -9.71
C LEU B 213 26.37 -19.41 -10.62
N GLY B 214 27.02 -19.54 -11.79
CA GLY B 214 26.93 -18.54 -12.83
C GLY B 214 28.01 -17.48 -12.78
N ARG B 215 28.76 -17.35 -13.87
CA ARG B 215 29.85 -16.39 -13.95
C ARG B 215 29.89 -15.84 -15.36
N GLY B 216 30.06 -14.53 -15.47
CA GLY B 216 30.07 -13.90 -16.77
C GLY B 216 29.78 -12.42 -16.69
N ASP B 217 30.35 -11.65 -17.61
CA ASP B 217 30.17 -10.21 -17.59
C ASP B 217 28.86 -9.77 -18.24
N ASN B 218 28.23 -10.64 -19.02
CA ASN B 218 27.04 -10.26 -19.77
C ASN B 218 25.98 -11.34 -19.66
N ALA B 219 24.73 -10.89 -19.62
CA ALA B 219 23.55 -11.73 -19.71
C ALA B 219 22.89 -11.49 -21.07
N GLU B 220 22.43 -12.57 -21.71
CA GLU B 220 21.88 -12.47 -23.05
C GLU B 220 20.72 -13.44 -23.18
N THR B 221 19.67 -13.01 -23.87
CA THR B 221 18.57 -13.90 -24.17
C THR B 221 18.24 -13.83 -25.65
N TYR B 222 17.92 -14.98 -26.23
CA TYR B 222 17.41 -15.10 -27.59
C TYR B 222 16.09 -15.83 -27.54
N THR B 223 15.06 -15.28 -28.19
CA THR B 223 13.71 -15.84 -28.09
C THR B 223 13.05 -15.90 -29.45
N GLY B 224 12.44 -17.04 -29.75
CA GLY B 224 11.55 -17.15 -30.90
C GLY B 224 10.24 -17.77 -30.47
N GLY B 225 9.15 -17.29 -31.06
CA GLY B 225 7.83 -17.73 -30.65
C GLY B 225 6.87 -17.80 -31.82
N LEU B 226 5.84 -18.63 -31.63
CA LEU B 226 4.77 -18.80 -32.61
C LEU B 226 3.43 -18.78 -31.90
N LYS B 227 2.43 -18.25 -32.58
CA LYS B 227 1.10 -18.14 -32.02
C LYS B 227 0.07 -18.40 -33.11
N TYR B 228 -0.96 -19.15 -32.77
CA TYR B 228 -2.13 -19.30 -33.64
C TYR B 228 -3.34 -19.00 -32.78
N ASP B 229 -4.17 -18.06 -33.23
CA ASP B 229 -5.30 -17.58 -32.44
C ASP B 229 -6.46 -17.30 -33.40
N ALA B 230 -7.26 -18.33 -33.67
CA ALA B 230 -8.37 -18.19 -34.58
C ALA B 230 -9.24 -19.44 -34.47
N ASN B 231 -10.50 -19.32 -34.89
CA ASN B 231 -11.42 -20.44 -34.96
C ASN B 231 -11.60 -21.11 -33.60
N ASN B 232 -11.67 -20.30 -32.55
CA ASN B 232 -11.78 -20.70 -31.15
C ASN B 232 -10.57 -21.46 -30.63
N ILE B 233 -9.49 -21.55 -31.41
CA ILE B 233 -8.30 -22.33 -31.05
C ILE B 233 -7.17 -21.38 -30.73
N TYR B 234 -6.46 -21.63 -29.62
CA TYR B 234 -5.24 -20.90 -29.29
C TYR B 234 -4.10 -21.91 -29.14
N LEU B 235 -3.05 -21.73 -29.95
CA LEU B 235 -1.82 -22.50 -29.85
C LEU B 235 -0.65 -21.52 -29.81
N ALA B 236 0.31 -21.79 -28.94
CA ALA B 236 1.45 -20.91 -28.86
C ALA B 236 2.64 -21.68 -28.33
N SER B 237 3.83 -21.29 -28.79
CA SER B 237 5.08 -21.82 -28.27
C SER B 237 6.09 -20.70 -28.17
N GLN B 238 7.05 -20.85 -27.28
CA GLN B 238 8.19 -19.96 -27.20
C GLN B 238 9.41 -20.79 -26.82
N TYR B 239 10.54 -20.46 -27.44
CA TYR B 239 11.81 -21.10 -27.15
C TYR B 239 12.83 -20.01 -26.86
N THR B 240 13.53 -20.12 -25.74
CA THR B 240 14.49 -19.09 -25.34
C THR B 240 15.79 -19.75 -24.89
N GLN B 241 16.91 -19.26 -25.41
CA GLN B 241 18.23 -19.61 -24.92
C GLN B 241 18.79 -18.43 -24.16
N THR B 242 19.26 -18.67 -22.93
CA THR B 242 19.84 -17.61 -22.11
C THR B 242 21.27 -17.92 -21.72
N TYR B 243 22.02 -16.86 -21.47
CA TYR B 243 23.38 -16.93 -20.96
C TYR B 243 23.44 -16.06 -19.72
N ASN B 244 23.74 -16.68 -18.58
CA ASN B 244 23.96 -15.96 -17.32
C ASN B 244 22.73 -15.19 -16.86
N ALA B 245 21.54 -15.65 -17.23
CA ALA B 245 20.33 -14.86 -17.09
C ALA B 245 19.13 -15.61 -16.52
N THR B 246 19.13 -16.95 -16.57
CA THR B 246 18.06 -17.73 -15.97
C THR B 246 18.48 -18.12 -14.56
N ARG B 247 17.60 -17.92 -13.59
CA ARG B 247 17.94 -18.24 -12.22
C ARG B 247 18.02 -19.75 -12.01
N ALA B 248 19.02 -20.17 -11.22
CA ALA B 248 19.17 -21.56 -10.79
C ALA B 248 18.74 -21.67 -9.33
N GLY B 249 17.46 -21.41 -9.10
CA GLY B 249 16.94 -21.33 -7.74
C GLY B 249 17.71 -20.33 -6.91
N SER B 250 17.91 -20.66 -5.63
CA SER B 250 18.68 -19.83 -4.72
C SER B 250 20.20 -19.95 -4.92
N LEU B 251 20.67 -20.78 -5.84
CA LEU B 251 22.10 -21.04 -5.98
C LEU B 251 22.82 -20.03 -6.87
N GLY B 252 22.08 -19.30 -7.70
CA GLY B 252 22.67 -18.34 -8.60
C GLY B 252 21.99 -18.34 -9.95
N PHE B 253 22.77 -18.19 -11.00
CA PHE B 253 22.28 -18.23 -12.37
C PHE B 253 22.90 -19.40 -13.12
N ALA B 254 22.17 -19.86 -14.13
CA ALA B 254 22.63 -20.90 -15.03
C ALA B 254 23.55 -20.27 -16.07
N ASN B 255 24.78 -20.77 -16.18
CA ASN B 255 25.69 -20.24 -17.19
C ASN B 255 25.05 -20.28 -18.58
N LYS B 256 24.27 -21.33 -18.88
CA LYS B 256 23.42 -21.35 -20.06
C LYS B 256 22.13 -22.09 -19.70
N ALA B 257 21.03 -21.67 -20.33
CA ALA B 257 19.77 -22.38 -20.14
C ALA B 257 18.99 -22.40 -21.45
N GLN B 258 18.23 -23.48 -21.65
CA GLN B 258 17.29 -23.62 -22.75
C GLN B 258 15.89 -23.79 -22.17
N ASN B 259 14.99 -22.87 -22.52
CA ASN B 259 13.64 -22.83 -21.99
C ASN B 259 12.63 -23.03 -23.11
N PHE B 260 11.62 -23.86 -22.85
CA PHE B 260 10.60 -24.14 -23.84
C PHE B 260 9.24 -24.12 -23.16
N GLU B 261 8.26 -23.48 -23.80
CA GLU B 261 6.86 -23.46 -23.38
C GLU B 261 5.99 -23.66 -24.60
N VAL B 262 4.95 -24.49 -24.45
CA VAL B 262 3.95 -24.71 -25.48
C VAL B 262 2.61 -24.94 -24.80
N VAL B 263 1.54 -24.44 -25.41
CA VAL B 263 0.21 -24.49 -24.80
C VAL B 263 -0.83 -24.64 -25.90
N ALA B 264 -1.88 -25.41 -25.61
CA ALA B 264 -3.03 -25.56 -26.51
C ALA B 264 -4.32 -25.33 -25.73
N GLN B 265 -5.21 -24.51 -26.29
CA GLN B 265 -6.47 -24.19 -25.63
C GLN B 265 -7.60 -24.16 -26.66
N TYR B 266 -8.81 -24.39 -26.17
CA TYR B 266 -10.02 -24.26 -26.97
C TYR B 266 -11.06 -23.48 -26.18
N GLN B 267 -11.74 -22.56 -26.86
CA GLN B 267 -12.77 -21.74 -26.24
C GLN B 267 -14.13 -22.25 -26.72
N PHE B 268 -14.90 -22.83 -25.80
CA PHE B 268 -16.29 -23.16 -26.10
C PHE B 268 -17.16 -21.90 -26.00
N ASP B 269 -18.24 -21.88 -26.78
CA ASP B 269 -19.07 -20.67 -26.82
C ASP B 269 -19.83 -20.46 -25.52
N PHE B 270 -20.13 -21.51 -24.77
CA PHE B 270 -20.83 -21.33 -23.51
C PHE B 270 -19.92 -20.93 -22.36
N GLY B 271 -18.63 -20.68 -22.60
CA GLY B 271 -17.76 -20.07 -21.61
C GLY B 271 -16.62 -20.94 -21.10
N LEU B 272 -16.60 -22.23 -21.38
CA LEU B 272 -15.53 -23.10 -20.90
C LEU B 272 -14.31 -23.04 -21.82
N ARG B 273 -13.13 -23.00 -21.21
CA ARG B 273 -11.86 -22.88 -21.93
C ARG B 273 -10.86 -23.84 -21.32
N PRO B 274 -10.84 -25.09 -21.79
CA PRO B 274 -9.81 -26.04 -21.33
C PRO B 274 -8.44 -25.71 -21.89
N SER B 275 -7.41 -26.14 -21.17
CA SER B 275 -6.05 -25.78 -21.51
C SER B 275 -5.11 -26.92 -21.13
N VAL B 276 -4.15 -27.19 -22.01
CA VAL B 276 -3.05 -28.11 -21.74
C VAL B 276 -1.74 -27.45 -22.15
N ALA B 277 -0.71 -27.58 -21.32
CA ALA B 277 0.56 -26.95 -21.62
C ALA B 277 1.71 -27.80 -21.08
N TYR B 278 2.90 -27.51 -21.59
CA TYR B 278 4.14 -28.15 -21.15
C TYR B 278 5.22 -27.08 -21.06
N LEU B 279 5.97 -27.06 -19.96
CA LEU B 279 7.02 -26.05 -19.73
C LEU B 279 8.27 -26.72 -19.20
N GLN B 280 9.44 -26.32 -19.70
CA GLN B 280 10.69 -26.84 -19.16
C GLN B 280 11.80 -25.79 -19.25
N SER B 281 12.73 -25.86 -18.30
CA SER B 281 13.93 -25.03 -18.29
C SER B 281 15.11 -25.95 -18.01
N LYS B 282 16.04 -26.06 -18.95
CA LYS B 282 17.21 -26.91 -18.83
C LYS B 282 18.45 -26.04 -18.63
N GLY B 283 19.07 -26.13 -17.46
CA GLY B 283 20.32 -25.44 -17.22
C GLY B 283 21.52 -26.26 -17.63
N LYS B 284 22.57 -25.57 -18.09
CA LYS B 284 23.79 -26.18 -18.61
C LYS B 284 25.01 -25.51 -18.03
N ASP B 285 26.11 -26.28 -17.95
CA ASP B 285 27.42 -25.81 -17.51
C ASP B 285 27.36 -25.22 -16.10
N LEU B 286 26.63 -25.88 -15.22
CA LEU B 286 26.51 -25.42 -13.84
C LEU B 286 27.74 -25.78 -13.03
N GLU B 287 28.21 -24.86 -12.21
CA GLU B 287 29.39 -25.08 -11.38
C GLU B 287 29.08 -26.11 -10.30
N ARG B 288 30.11 -26.37 -9.48
CA ARG B 288 30.01 -27.19 -8.28
C ARG B 288 29.61 -28.64 -8.57
N GLY B 289 29.86 -29.11 -9.80
CA GLY B 289 29.58 -30.47 -10.18
C GLY B 289 28.17 -30.76 -10.63
N TYR B 290 27.33 -29.73 -10.81
CA TYR B 290 25.94 -29.99 -11.18
C TYR B 290 25.79 -30.31 -12.66
N GLY B 291 26.62 -29.73 -13.51
CA GLY B 291 26.56 -30.07 -14.94
C GLY B 291 25.28 -29.57 -15.59
N ASP B 292 24.58 -30.48 -16.25
CA ASP B 292 23.28 -30.18 -16.82
C ASP B 292 22.19 -30.59 -15.82
N GLN B 293 21.26 -29.69 -15.55
CA GLN B 293 20.20 -29.96 -14.59
C GLN B 293 18.88 -29.42 -15.11
N ASP B 294 17.79 -30.06 -14.70
CA ASP B 294 16.45 -29.53 -14.93
C ASP B 294 16.16 -28.44 -13.91
N ILE B 295 15.84 -27.24 -14.38
CA ILE B 295 15.40 -26.21 -13.44
C ILE B 295 13.88 -26.21 -13.27
N LEU B 296 13.14 -26.57 -14.32
CA LEU B 296 11.69 -26.62 -14.30
C LEU B 296 11.25 -27.64 -15.35
N LYS B 297 10.23 -28.42 -15.03
CA LYS B 297 9.69 -29.36 -16.02
C LYS B 297 8.31 -29.78 -15.54
N TYR B 298 7.25 -29.39 -16.26
CA TYR B 298 5.93 -29.86 -15.85
C TYR B 298 4.95 -29.79 -17.00
N VAL B 299 3.91 -30.61 -16.89
CA VAL B 299 2.72 -30.58 -17.75
C VAL B 299 1.62 -29.89 -16.98
N ASP B 300 0.92 -28.98 -17.63
CA ASP B 300 -0.20 -28.28 -17.02
C ASP B 300 -1.51 -28.67 -17.69
N VAL B 301 -2.51 -28.97 -16.87
CA VAL B 301 -3.86 -29.25 -17.34
C VAL B 301 -4.83 -28.44 -16.49
N GLY B 302 -5.73 -27.73 -17.15
CA GLY B 302 -6.74 -27.00 -16.40
C GLY B 302 -7.80 -26.43 -17.31
N ALA B 303 -8.70 -25.66 -16.70
CA ALA B 303 -9.77 -25.04 -17.46
C ALA B 303 -10.27 -23.82 -16.70
N THR B 304 -10.74 -22.83 -17.45
CA THR B 304 -11.41 -21.67 -16.91
C THR B 304 -12.85 -21.67 -17.39
N TYR B 305 -13.76 -21.31 -16.51
CA TYR B 305 -15.14 -21.04 -16.91
C TYR B 305 -15.44 -19.55 -16.73
N TYR B 306 -15.73 -18.87 -17.84
CA TYR B 306 -16.07 -17.46 -17.83
C TYR B 306 -17.59 -17.32 -17.68
N PHE B 307 -18.04 -16.88 -16.50
CA PHE B 307 -19.46 -16.56 -16.36
C PHE B 307 -19.84 -15.42 -17.28
N ASN B 308 -19.01 -14.39 -17.31
CA ASN B 308 -19.09 -13.30 -18.26
C ASN B 308 -17.73 -12.60 -18.23
N LYS B 309 -17.69 -11.35 -18.71
CA LYS B 309 -16.45 -10.62 -18.80
C LYS B 309 -15.95 -10.13 -17.45
N ASN B 310 -16.76 -10.23 -16.40
CA ASN B 310 -16.38 -9.72 -15.09
C ASN B 310 -16.31 -10.81 -14.02
N MET B 311 -16.56 -12.06 -14.37
CA MET B 311 -16.55 -13.12 -13.37
C MET B 311 -16.09 -14.42 -14.03
N SER B 312 -15.23 -15.15 -13.33
CA SER B 312 -14.76 -16.41 -13.86
C SER B 312 -14.35 -17.31 -12.71
N THR B 313 -14.21 -18.61 -13.02
CA THR B 313 -13.75 -19.59 -12.05
C THR B 313 -12.81 -20.56 -12.77
N TYR B 314 -11.87 -21.15 -12.02
CA TYR B 314 -10.91 -22.02 -12.71
C TYR B 314 -10.33 -23.08 -11.81
N VAL B 315 -9.78 -24.10 -12.47
CA VAL B 315 -8.95 -25.13 -11.86
C VAL B 315 -7.69 -25.25 -12.71
N ASP B 316 -6.56 -25.49 -12.06
CA ASP B 316 -5.29 -25.63 -12.76
C ASP B 316 -4.48 -26.69 -12.01
N TYR B 317 -3.84 -27.58 -12.77
CA TYR B 317 -3.18 -28.74 -12.19
C TYR B 317 -1.78 -28.82 -12.76
N LYS B 318 -0.78 -28.57 -11.92
CA LYS B 318 0.62 -28.64 -12.30
C LYS B 318 1.11 -30.06 -12.04
N ILE B 319 1.36 -30.82 -13.11
CA ILE B 319 1.89 -32.17 -13.00
C ILE B 319 3.41 -32.05 -13.07
N ASN B 320 4.07 -32.07 -11.92
CA ASN B 320 5.48 -31.72 -11.82
C ASN B 320 6.34 -32.95 -12.13
N LEU B 321 7.19 -32.83 -13.14
CA LEU B 321 8.01 -33.93 -13.60
C LEU B 321 9.46 -33.85 -13.11
N LEU B 322 9.81 -32.85 -12.30
CA LEU B 322 11.13 -32.82 -11.71
C LEU B 322 11.30 -33.98 -10.73
N ASP B 323 12.51 -34.53 -10.72
CA ASP B 323 12.91 -35.49 -9.70
C ASP B 323 13.59 -34.79 -8.54
N ASP B 324 13.52 -35.42 -7.37
CA ASP B 324 14.19 -34.93 -6.18
C ASP B 324 15.66 -35.30 -6.23
N ASN B 325 16.55 -34.30 -6.22
CA ASN B 325 17.97 -34.57 -6.23
C ASN B 325 18.67 -33.47 -5.44
N SER B 326 20.00 -33.51 -5.39
CA SER B 326 20.68 -32.53 -4.56
C SER B 326 20.63 -31.14 -5.19
N PHE B 327 20.50 -31.06 -6.52
CA PHE B 327 20.32 -29.74 -7.13
C PHE B 327 18.99 -29.10 -6.74
N THR B 328 17.86 -29.81 -6.95
CA THR B 328 16.57 -29.24 -6.60
C THR B 328 16.47 -28.97 -5.09
N ARG B 329 17.06 -29.84 -4.27
CA ARG B 329 17.07 -29.62 -2.83
C ARG B 329 17.93 -28.41 -2.46
N ASN B 330 19.13 -28.30 -3.04
CA ASN B 330 20.01 -27.19 -2.67
C ASN B 330 19.52 -25.86 -3.26
N ALA B 331 18.92 -25.90 -4.45
CA ALA B 331 18.41 -24.69 -5.10
C ALA B 331 17.03 -24.27 -4.60
N GLY B 332 16.39 -25.08 -3.77
CA GLY B 332 15.05 -24.78 -3.30
C GLY B 332 13.97 -24.88 -4.35
N ILE B 333 14.12 -25.76 -5.33
CA ILE B 333 13.17 -25.87 -6.42
C ILE B 333 12.10 -26.87 -6.02
N SER B 334 10.83 -26.53 -6.27
CA SER B 334 9.74 -27.38 -5.83
C SER B 334 9.60 -28.54 -6.81
N THR B 335 9.45 -29.75 -6.27
CA THR B 335 9.23 -30.92 -7.11
C THR B 335 7.83 -31.53 -6.97
N ASP B 336 6.95 -30.94 -6.17
CA ASP B 336 5.62 -31.52 -5.96
C ASP B 336 4.59 -30.96 -6.95
N ASP B 337 3.50 -31.71 -7.13
CA ASP B 337 2.35 -31.26 -7.90
C ASP B 337 1.63 -30.13 -7.17
N VAL B 338 0.85 -29.36 -7.92
CA VAL B 338 0.00 -28.32 -7.35
C VAL B 338 -1.35 -28.34 -8.05
N VAL B 339 -2.43 -28.23 -7.27
CA VAL B 339 -3.77 -27.96 -7.79
C VAL B 339 -4.24 -26.62 -7.24
N ALA B 340 -4.74 -25.76 -8.12
CA ALA B 340 -5.26 -24.44 -7.77
C ALA B 340 -6.74 -24.34 -8.10
N LEU B 341 -7.50 -23.76 -7.19
CA LEU B 341 -8.91 -23.44 -7.38
C LEU B 341 -9.10 -21.95 -7.20
N GLY B 342 -9.72 -21.29 -8.19
CA GLY B 342 -9.87 -19.85 -8.16
C GLY B 342 -11.27 -19.40 -8.53
N LEU B 343 -11.69 -18.31 -7.88
CA LEU B 343 -12.93 -17.62 -8.23
C LEU B 343 -12.61 -16.13 -8.33
N VAL B 344 -12.81 -15.54 -9.51
CA VAL B 344 -12.25 -14.23 -9.84
C VAL B 344 -13.36 -13.24 -10.16
N TYR B 345 -13.41 -12.13 -9.43
CA TYR B 345 -14.20 -10.97 -9.81
C TYR B 345 -13.27 -9.93 -10.44
N GLN B 346 -13.60 -9.52 -11.66
CA GLN B 346 -12.78 -8.58 -12.42
C GLN B 346 -13.58 -7.30 -12.68
N PHE B 347 -12.93 -6.14 -12.55
CA PHE B 347 -13.59 -4.93 -13.01
C PHE B 347 -12.75 -4.23 -14.07
N GLY C 1 -6.66 16.93 -10.63
CA GLY C 1 -7.74 16.22 -9.97
C GLY C 1 -8.92 15.91 -10.88
N ALA C 2 -9.42 14.68 -10.80
CA ALA C 2 -10.57 14.22 -11.57
C ALA C 2 -11.76 14.06 -10.63
N GLU C 3 -12.78 14.89 -10.80
CA GLU C 3 -14.01 14.70 -10.03
C GLU C 3 -14.72 13.45 -10.54
N ILE C 4 -14.77 12.42 -9.70
CA ILE C 4 -15.43 11.17 -10.05
C ILE C 4 -16.75 11.01 -9.34
N TYR C 5 -17.14 11.96 -8.52
CA TYR C 5 -18.41 11.83 -7.80
C TYR C 5 -18.86 13.21 -7.39
N ASN C 6 -20.09 13.56 -7.74
CA ASN C 6 -20.70 14.81 -7.30
C ASN C 6 -22.21 14.59 -7.33
N LYS C 7 -22.81 14.44 -6.15
CA LYS C 7 -24.20 14.03 -6.03
C LYS C 7 -24.69 14.27 -4.60
N ASP C 8 -25.80 15.00 -4.46
CA ASP C 8 -26.47 15.19 -3.17
C ASP C 8 -25.59 15.89 -2.14
N GLY C 9 -24.81 16.88 -2.58
CA GLY C 9 -23.97 17.64 -1.69
C GLY C 9 -22.61 17.04 -1.36
N ASN C 10 -22.32 15.81 -1.78
CA ASN C 10 -21.01 15.21 -1.55
C ASN C 10 -20.25 15.12 -2.88
N LYS C 11 -18.95 15.40 -2.81
CA LYS C 11 -18.14 15.30 -4.02
C LYS C 11 -16.78 14.70 -3.67
N LEU C 12 -16.19 14.04 -4.66
CA LEU C 12 -14.98 13.27 -4.45
C LEU C 12 -14.12 13.46 -5.68
N ASP C 13 -12.90 13.91 -5.46
CA ASP C 13 -11.87 14.09 -6.48
C ASP C 13 -10.85 12.99 -6.30
N LEU C 14 -10.47 12.33 -7.39
CA LEU C 14 -9.30 11.46 -7.42
C LEU C 14 -8.18 12.20 -8.13
N TYR C 15 -7.00 12.24 -7.52
CA TYR C 15 -5.88 12.96 -8.10
C TYR C 15 -4.59 12.14 -7.93
N GLY C 16 -3.58 12.49 -8.71
CA GLY C 16 -2.27 11.91 -8.55
C GLY C 16 -1.44 12.05 -9.81
N LYS C 17 -0.30 11.34 -9.80
CA LYS C 17 0.64 11.44 -10.90
C LYS C 17 1.53 10.21 -10.95
N ILE C 18 2.03 9.94 -12.14
CA ILE C 18 3.00 8.87 -12.38
C ILE C 18 4.22 9.55 -12.98
N ASP C 19 5.35 9.47 -12.26
CA ASP C 19 6.57 10.22 -12.60
C ASP C 19 7.65 9.20 -12.97
N GLY C 20 7.85 9.00 -14.28
CA GLY C 20 8.97 8.22 -14.76
C GLY C 20 10.24 9.05 -14.63
N LEU C 21 11.10 8.69 -13.68
CA LEU C 21 12.14 9.61 -13.22
C LEU C 21 13.46 8.87 -13.08
N HIS C 22 14.54 9.53 -13.51
CA HIS C 22 15.88 8.96 -13.44
C HIS C 22 16.87 10.03 -12.97
N TYR C 23 17.69 9.70 -11.98
CA TYR C 23 18.75 10.56 -11.48
C TYR C 23 20.11 10.09 -12.02
N PHE C 24 20.96 11.04 -12.40
CA PHE C 24 22.34 10.77 -12.78
C PHE C 24 23.26 11.47 -11.77
N SER C 25 24.10 10.70 -11.09
CA SER C 25 24.94 11.30 -10.06
C SER C 25 26.10 10.36 -9.72
N ASP C 26 27.22 10.95 -9.32
CA ASP C 26 28.33 10.16 -8.76
C ASP C 26 27.99 9.62 -7.39
N ASP C 27 26.99 10.17 -6.71
CA ASP C 27 26.59 9.65 -5.41
C ASP C 27 25.75 8.40 -5.64
N LYS C 28 26.29 7.24 -5.23
CA LYS C 28 25.62 5.97 -5.49
C LYS C 28 24.30 5.82 -4.74
N SER C 29 24.11 6.54 -3.64
CA SER C 29 22.84 6.41 -2.94
C SER C 29 21.71 7.22 -3.57
N VAL C 30 21.99 8.05 -4.57
CA VAL C 30 20.91 8.75 -5.26
C VAL C 30 20.90 8.46 -6.75
N ASP C 31 22.00 7.97 -7.33
CA ASP C 31 22.04 7.65 -8.75
C ASP C 31 21.06 6.53 -9.09
N GLY C 32 20.48 6.60 -10.28
CA GLY C 32 19.68 5.51 -10.82
C GLY C 32 18.20 5.84 -10.95
N ASP C 33 17.41 4.77 -11.10
CA ASP C 33 15.98 4.95 -11.33
C ASP C 33 15.27 5.47 -10.07
N GLN C 34 14.36 6.44 -10.27
CA GLN C 34 13.63 7.07 -9.18
C GLN C 34 12.12 7.11 -9.43
N THR C 35 11.61 6.29 -10.35
CA THR C 35 10.19 6.25 -10.69
C THR C 35 9.30 6.03 -9.47
N TYR C 36 8.24 6.81 -9.38
CA TYR C 36 7.28 6.69 -8.28
C TYR C 36 5.93 7.21 -8.75
N MET C 37 4.91 7.02 -7.92
CA MET C 37 3.60 7.57 -8.22
C MET C 37 2.97 8.07 -6.94
N ARG C 38 1.97 8.94 -7.12
CA ARG C 38 1.17 9.47 -6.04
C ARG C 38 -0.29 9.28 -6.38
N VAL C 39 -1.09 8.93 -5.39
CA VAL C 39 -2.53 8.82 -5.58
C VAL C 39 -3.19 9.38 -4.34
N GLY C 40 -4.28 10.12 -4.54
CA GLY C 40 -4.96 10.74 -3.43
C GLY C 40 -6.43 10.93 -3.72
N VAL C 41 -7.18 11.15 -2.65
CA VAL C 41 -8.61 11.42 -2.71
C VAL C 41 -8.88 12.68 -1.92
N LYS C 42 -9.64 13.59 -2.51
CA LYS C 42 -10.11 14.80 -1.85
C LYS C 42 -11.64 14.77 -1.84
N GLY C 43 -12.23 14.90 -0.66
CA GLY C 43 -13.68 14.82 -0.53
C GLY C 43 -14.22 15.98 0.28
N GLU C 44 -15.44 16.39 -0.06
CA GLU C 44 -16.11 17.39 0.76
C GLU C 44 -17.62 17.17 0.71
N THR C 45 -18.26 17.46 1.85
CA THR C 45 -19.70 17.25 2.01
C THR C 45 -20.32 18.52 2.58
N GLN C 46 -21.31 19.06 1.87
CA GLN C 46 -22.04 20.21 2.40
C GLN C 46 -22.93 19.75 3.54
N ILE C 47 -22.71 20.28 4.74
CA ILE C 47 -23.48 19.87 5.91
C ILE C 47 -24.70 20.78 6.11
N ASN C 48 -24.49 22.09 6.12
CA ASN C 48 -25.57 23.07 6.10
C ASN C 48 -25.03 24.34 5.46
N ASP C 49 -25.84 25.41 5.49
CA ASP C 49 -25.49 26.65 4.79
C ASP C 49 -24.16 27.23 5.26
N GLN C 50 -23.77 26.99 6.52
CA GLN C 50 -22.58 27.61 7.09
C GLN C 50 -21.50 26.60 7.48
N LEU C 51 -21.61 25.35 7.04
CA LEU C 51 -20.73 24.30 7.53
C LEU C 51 -20.53 23.25 6.44
N THR C 52 -19.26 22.98 6.11
CA THR C 52 -18.86 21.95 5.16
C THR C 52 -17.80 21.05 5.80
N GLY C 53 -17.94 19.73 5.62
CA GLY C 53 -16.96 18.77 6.10
C GLY C 53 -16.09 18.29 4.95
N TYR C 54 -14.85 17.90 5.26
CA TYR C 54 -13.96 17.50 4.20
C TYR C 54 -12.94 16.51 4.71
N GLY C 55 -12.32 15.81 3.78
CA GLY C 55 -11.25 14.88 4.10
C GLY C 55 -10.32 14.77 2.92
N GLN C 56 -9.05 14.46 3.21
CA GLN C 56 -8.09 14.29 2.13
C GLN C 56 -7.06 13.25 2.55
N TRP C 57 -6.68 12.39 1.61
CA TRP C 57 -5.64 11.38 1.78
C TRP C 57 -4.69 11.45 0.59
N GLU C 58 -3.39 11.41 0.86
CA GLU C 58 -2.38 11.38 -0.20
C GLU C 58 -1.35 10.31 0.11
N TYR C 59 -1.10 9.44 -0.88
CA TYR C 59 -0.28 8.25 -0.73
C TYR C 59 0.87 8.31 -1.73
N ASN C 60 2.07 7.96 -1.27
CA ASN C 60 3.22 7.85 -2.17
C ASN C 60 3.57 6.38 -2.37
N VAL C 61 3.70 5.95 -3.63
CA VAL C 61 4.03 4.56 -3.96
C VAL C 61 5.29 4.55 -4.80
N GLN C 62 6.39 4.07 -4.23
CA GLN C 62 7.62 3.99 -5.01
C GLN C 62 7.51 2.86 -6.01
N ALA C 63 8.03 3.09 -7.21
CA ALA C 63 8.08 2.03 -8.19
C ALA C 63 9.49 1.80 -8.74
N ASN C 64 10.52 2.17 -7.98
CA ASN C 64 11.87 2.05 -8.50
C ASN C 64 12.61 0.84 -7.95
N ASN C 65 12.01 0.07 -7.05
CA ASN C 65 12.60 -1.16 -6.53
C ASN C 65 11.69 -2.35 -6.86
N THR C 66 12.09 -3.53 -6.37
CA THR C 66 11.51 -4.80 -6.82
C THR C 66 10.20 -5.10 -6.09
N GLU C 67 9.52 -6.15 -6.57
CA GLU C 67 8.27 -6.56 -5.97
C GLU C 67 8.47 -7.24 -4.62
N SER C 68 9.69 -7.67 -4.30
CA SER C 68 9.97 -8.20 -2.95
C SER C 68 10.61 -7.18 -2.02
N SER C 69 10.84 -5.95 -2.48
CA SER C 69 11.47 -4.92 -1.66
C SER C 69 10.52 -4.40 -0.59
N SER C 70 11.09 -3.88 0.50
CA SER C 70 10.32 -3.48 1.67
C SER C 70 10.07 -1.96 1.70
N ASP C 71 8.93 -1.59 2.28
CA ASP C 71 8.60 -0.22 2.70
C ASP C 71 8.58 0.73 1.50
N GLN C 72 7.84 0.37 0.48
CA GLN C 72 7.84 1.13 -0.77
C GLN C 72 6.66 2.08 -0.90
N ALA C 73 5.76 2.14 0.09
CA ALA C 73 4.58 2.99 0.03
C ALA C 73 4.35 3.64 1.39
N TRP C 74 3.80 4.86 1.39
CA TRP C 74 3.57 5.55 2.66
C TRP C 74 2.56 6.67 2.48
N THR C 75 1.90 7.03 3.58
CA THR C 75 0.94 8.12 3.55
C THR C 75 1.66 9.46 3.73
N ARG C 76 1.42 10.38 2.80
CA ARG C 76 1.92 11.75 2.94
C ARG C 76 0.94 12.62 3.72
N LEU C 77 -0.36 12.43 3.49
CA LEU C 77 -1.39 13.23 4.14
C LEU C 77 -2.62 12.37 4.43
N ALA C 78 -3.23 12.61 5.59
CA ALA C 78 -4.55 12.04 5.88
C ALA C 78 -5.17 12.90 6.96
N PHE C 79 -6.23 13.64 6.63
CA PHE C 79 -6.83 14.52 7.62
C PHE C 79 -8.28 14.74 7.27
N ALA C 80 -9.06 15.05 8.31
CA ALA C 80 -10.47 15.37 8.21
C ALA C 80 -10.68 16.75 8.83
N GLY C 81 -11.68 17.47 8.33
CA GLY C 81 -11.85 18.83 8.78
C GLY C 81 -13.26 19.34 8.59
N LEU C 82 -13.49 20.51 9.18
CA LEU C 82 -14.74 21.24 9.07
C LEU C 82 -14.41 22.69 8.72
N LYS C 83 -15.22 23.24 7.81
CA LYS C 83 -15.09 24.61 7.33
C LYS C 83 -16.38 25.35 7.71
N PHE C 84 -16.24 26.43 8.46
CA PHE C 84 -17.38 27.20 8.97
C PHE C 84 -17.37 28.60 8.37
N GLY C 85 -17.42 28.71 7.05
CA GLY C 85 -17.53 30.01 6.41
C GLY C 85 -16.45 30.98 6.85
N ASP C 86 -16.87 32.17 7.26
CA ASP C 86 -15.93 33.24 7.60
C ASP C 86 -15.19 32.98 8.90
N ALA C 87 -15.72 32.13 9.77
CA ALA C 87 -15.07 31.91 11.06
C ALA C 87 -13.89 30.96 11.00
N GLY C 88 -13.57 30.41 9.82
CA GLY C 88 -12.37 29.63 9.63
C GLY C 88 -12.65 28.14 9.41
N SER C 89 -11.56 27.37 9.37
CA SER C 89 -11.62 25.93 9.22
C SER C 89 -10.74 25.28 10.27
N PHE C 90 -11.05 24.02 10.60
CA PHE C 90 -10.26 23.24 11.56
C PHE C 90 -10.09 21.84 10.99
N ASP C 91 -8.86 21.33 10.98
CA ASP C 91 -8.70 19.93 10.61
C ASP C 91 -7.64 19.28 11.48
N TYR C 92 -7.71 17.94 11.54
CA TYR C 92 -6.79 17.13 12.33
C TYR C 92 -6.34 15.88 11.56
N GLY C 93 -5.06 15.56 11.67
CA GLY C 93 -4.54 14.30 11.15
C GLY C 93 -3.06 14.47 10.78
N ARG C 94 -2.64 13.80 9.70
CA ARG C 94 -1.31 14.01 9.16
C ARG C 94 -1.43 15.08 8.10
N ASN C 95 -0.80 16.24 8.33
CA ASN C 95 -0.94 17.39 7.44
C ASN C 95 0.34 18.23 7.51
N TYR C 96 0.35 19.30 6.73
CA TYR C 96 1.51 20.19 6.69
C TYR C 96 1.57 21.03 7.95
N GLY C 97 2.76 21.07 8.55
CA GLY C 97 3.04 22.10 9.54
C GLY C 97 2.94 23.48 8.92
N VAL C 98 2.51 24.45 9.71
CA VAL C 98 2.19 25.75 9.13
C VAL C 98 3.43 26.52 8.69
N VAL C 99 4.63 26.12 9.11
CA VAL C 99 5.84 26.76 8.58
C VAL C 99 5.87 26.68 7.05
N TYR C 100 5.42 25.55 6.51
CA TYR C 100 5.35 25.35 5.07
C TYR C 100 4.35 26.28 4.38
N ASP C 101 3.42 26.88 5.13
CA ASP C 101 2.62 27.96 4.57
C ASP C 101 3.47 29.03 3.90
N VAL C 102 4.68 29.27 4.42
CA VAL C 102 5.58 30.26 3.84
C VAL C 102 6.68 29.60 3.01
N THR C 103 7.30 28.54 3.55
CA THR C 103 8.43 27.93 2.86
C THR C 103 8.00 27.21 1.58
N SER C 104 6.71 26.93 1.40
CA SER C 104 6.28 26.33 0.15
C SER C 104 6.50 27.27 -1.03
N TRP C 105 6.66 28.57 -0.78
CA TRP C 105 6.81 29.53 -1.87
C TRP C 105 8.08 29.28 -2.70
N THR C 106 9.10 28.68 -2.11
CA THR C 106 10.28 28.33 -2.87
C THR C 106 10.30 26.86 -3.29
N ASP C 107 9.28 26.10 -2.94
CA ASP C 107 9.20 24.67 -3.27
C ASP C 107 8.55 24.52 -4.65
N VAL C 108 9.26 24.99 -5.69
CA VAL C 108 8.71 25.06 -7.04
C VAL C 108 9.75 24.64 -8.08
N LEU C 109 10.83 24.00 -7.63
CA LEU C 109 11.86 23.58 -8.57
C LEU C 109 11.35 22.44 -9.44
N PRO C 110 11.90 22.26 -10.64
CA PRO C 110 11.38 21.19 -11.49
C PRO C 110 11.43 19.83 -10.81
N GLU C 111 12.49 19.53 -10.05
CA GLU C 111 12.56 18.25 -9.36
C GLU C 111 13.07 18.39 -7.93
N PHE C 112 14.08 19.22 -7.72
CA PHE C 112 14.76 19.24 -6.42
C PHE C 112 14.04 20.23 -5.50
N GLY C 113 14.69 20.64 -4.41
CA GLY C 113 14.07 21.56 -3.47
C GLY C 113 13.05 20.89 -2.58
N GLY C 114 12.40 21.71 -1.76
CA GLY C 114 11.33 21.21 -0.91
C GLY C 114 11.86 20.45 0.29
N ASP C 115 11.03 19.53 0.79
CA ASP C 115 11.42 18.80 1.98
C ASP C 115 12.51 17.79 1.62
N GLY C 116 13.41 17.55 2.57
CA GLY C 116 14.64 16.86 2.30
C GLY C 116 15.85 17.77 2.14
N ASP C 117 15.64 19.08 1.94
CA ASP C 117 16.74 19.99 1.64
C ASP C 117 17.00 20.85 2.87
N THR C 118 16.42 22.04 2.99
CA THR C 118 16.67 22.83 4.19
C THR C 118 15.81 22.39 5.37
N TYR C 119 14.81 21.54 5.12
CA TYR C 119 13.96 20.97 6.16
C TYR C 119 13.50 19.62 5.66
N GLY C 120 12.88 18.83 6.54
CA GLY C 120 12.45 17.49 6.19
C GLY C 120 10.99 17.28 6.56
N SER C 121 10.47 16.14 6.12
CA SER C 121 9.18 15.70 6.65
C SER C 121 9.38 15.08 8.03
N ASP C 122 8.30 15.08 8.82
CA ASP C 122 8.31 14.61 10.20
C ASP C 122 9.42 15.29 10.98
N ASN C 123 9.48 16.60 10.83
CA ASN C 123 10.57 17.44 11.29
C ASN C 123 9.94 18.62 12.00
N PHE C 124 9.34 18.35 13.16
CA PHE C 124 8.55 19.34 13.91
C PHE C 124 7.43 19.86 13.00
N LEU C 125 7.18 21.17 12.97
CA LEU C 125 6.08 21.70 12.17
C LEU C 125 6.56 22.27 10.84
N GLN C 126 7.67 21.77 10.31
CA GLN C 126 8.27 22.34 9.11
C GLN C 126 7.73 21.72 7.81
N SER C 127 7.16 20.53 7.88
CA SER C 127 6.57 19.91 6.70
C SER C 127 5.43 18.99 7.12
N ARG C 128 5.22 17.92 6.37
CA ARG C 128 4.22 16.93 6.75
C ARG C 128 4.57 16.35 8.12
N ALA C 129 3.54 16.19 8.96
CA ALA C 129 3.72 15.87 10.37
C ALA C 129 2.50 15.10 10.87
N ASN C 130 2.75 14.18 11.79
CA ASN C 130 1.67 13.42 12.41
C ASN C 130 1.00 14.22 13.51
N GLY C 131 -0.32 14.06 13.62
CA GLY C 131 -1.05 14.57 14.76
C GLY C 131 -1.17 16.08 14.88
N VAL C 132 -1.28 16.82 13.76
CA VAL C 132 -1.44 18.26 13.83
C VAL C 132 -2.91 18.65 13.80
N ALA C 133 -3.28 19.54 14.71
CA ALA C 133 -4.58 20.21 14.73
C ALA C 133 -4.39 21.63 14.21
N THR C 134 -5.10 21.99 13.14
CA THR C 134 -4.81 23.23 12.43
C THR C 134 -6.08 24.06 12.28
N TYR C 135 -6.05 25.26 12.84
CA TYR C 135 -7.07 26.27 12.61
C TYR C 135 -6.58 27.24 11.55
N ARG C 136 -7.41 27.50 10.53
CA ARG C 136 -7.05 28.41 9.45
C ARG C 136 -8.13 29.45 9.24
N ASN C 137 -7.71 30.65 8.86
CA ASN C 137 -8.64 31.74 8.62
C ASN C 137 -8.23 32.48 7.35
N SER C 138 -9.18 32.63 6.43
CA SER C 138 -8.96 33.34 5.16
C SER C 138 -9.54 34.74 5.19
N ASP C 139 -8.75 35.70 4.69
CA ASP C 139 -9.21 37.07 4.52
C ASP C 139 -9.67 37.69 5.83
N PHE C 140 -9.03 37.28 6.92
CA PHE C 140 -9.30 37.81 8.25
C PHE C 140 -10.80 37.93 8.52
N PHE C 141 -11.44 36.76 8.64
CA PHE C 141 -12.87 36.67 8.89
C PHE C 141 -13.70 37.34 7.79
N GLY C 142 -13.17 37.40 6.58
CA GLY C 142 -13.84 38.10 5.50
C GLY C 142 -13.70 39.61 5.52
N LEU C 143 -12.96 40.18 6.48
CA LEU C 143 -12.86 41.63 6.65
C LEU C 143 -11.64 42.27 5.98
N VAL C 144 -10.56 41.53 5.74
CA VAL C 144 -9.35 42.07 5.11
C VAL C 144 -8.97 41.11 3.98
N ASP C 145 -9.27 41.50 2.74
CA ASP C 145 -8.92 40.69 1.58
C ASP C 145 -7.42 40.39 1.55
N GLY C 146 -7.08 39.12 1.30
CA GLY C 146 -5.71 38.69 1.09
C GLY C 146 -4.92 38.40 2.34
N LEU C 147 -5.49 38.60 3.52
CA LEU C 147 -4.80 38.42 4.79
C LEU C 147 -5.21 37.08 5.41
N ASN C 148 -4.28 36.13 5.43
CA ASN C 148 -4.56 34.77 5.92
C ASN C 148 -3.70 34.45 7.13
N PHE C 149 -4.24 33.64 8.04
CA PHE C 149 -3.41 33.18 9.15
C PHE C 149 -3.82 31.80 9.61
N ALA C 150 -2.96 31.21 10.43
CA ALA C 150 -3.17 29.83 10.86
C ALA C 150 -2.57 29.65 12.24
N LEU C 151 -3.24 28.84 13.04
CA LEU C 151 -2.78 28.40 14.36
C LEU C 151 -2.82 26.89 14.40
N GLN C 152 -1.79 26.28 14.99
CA GLN C 152 -1.59 24.85 14.85
C GLN C 152 -1.03 24.29 16.14
N TYR C 153 -1.48 23.09 16.51
CA TYR C 153 -0.95 22.40 17.67
C TYR C 153 -0.62 20.97 17.29
N GLN C 154 0.45 20.43 17.89
CA GLN C 154 0.88 19.06 17.62
C GLN C 154 1.23 18.39 18.93
N GLY C 155 0.60 17.23 19.19
CA GLY C 155 0.95 16.44 20.35
C GLY C 155 2.27 15.72 20.18
N LYS C 156 2.84 15.31 21.31
CA LYS C 156 4.09 14.57 21.31
C LYS C 156 4.03 13.34 20.42
N ASN C 157 5.08 13.14 19.61
CA ASN C 157 5.33 11.88 18.90
C ASN C 157 6.69 11.37 19.39
N GLY C 158 6.66 10.41 20.30
CA GLY C 158 7.82 10.09 21.11
C GLY C 158 8.64 8.92 20.62
N SER C 159 9.25 8.21 21.57
CA SER C 159 10.13 7.10 21.23
C SER C 159 9.32 5.82 21.02
N VAL C 160 10.03 4.79 20.55
CA VAL C 160 9.38 3.50 20.34
C VAL C 160 9.07 2.84 21.68
N SER C 161 9.96 2.96 22.66
CA SER C 161 9.77 2.37 23.97
C SER C 161 10.40 3.27 25.03
N GLY C 162 10.14 2.93 26.29
CA GLY C 162 10.72 3.69 27.38
C GLY C 162 9.80 4.79 27.87
N GLU C 163 10.36 5.65 28.71
CA GLU C 163 9.58 6.70 29.35
C GLU C 163 9.06 7.73 28.36
N GLY C 164 9.79 7.94 27.25
CA GLY C 164 9.39 8.97 26.31
C GLY C 164 8.56 8.43 25.16
N ALA C 165 7.94 7.27 25.35
CA ALA C 165 7.25 6.62 24.24
C ALA C 165 5.86 7.19 24.05
N THR C 166 5.39 7.11 22.80
CA THR C 166 3.99 7.21 22.45
C THR C 166 3.66 6.00 21.57
N ASN C 167 2.36 5.78 21.35
CA ASN C 167 1.93 4.60 20.56
C ASN C 167 2.60 4.54 19.20
N ASN C 168 2.91 5.71 18.60
CA ASN C 168 3.35 5.85 17.22
C ASN C 168 4.82 6.26 17.19
N GLY C 169 5.62 5.62 18.03
CA GLY C 169 6.99 6.04 18.22
C GLY C 169 7.85 5.85 16.98
N ARG C 170 8.93 6.62 16.97
CA ARG C 170 9.85 6.66 15.84
C ARG C 170 11.22 7.06 16.40
N GLY C 171 12.21 7.08 15.52
CA GLY C 171 13.56 7.48 15.92
C GLY C 171 13.70 8.98 16.13
N TRP C 172 14.84 9.36 16.72
CA TRP C 172 15.02 10.70 17.27
C TRP C 172 14.88 11.80 16.21
N SER C 173 15.34 11.53 14.98
CA SER C 173 15.29 12.55 13.94
C SER C 173 13.87 12.92 13.53
N LYS C 174 12.88 12.07 13.83
CA LYS C 174 11.50 12.35 13.47
C LYS C 174 10.58 12.41 14.67
N GLN C 175 11.14 12.52 15.88
CA GLN C 175 10.35 12.69 17.08
C GLN C 175 10.01 14.17 17.28
N ASN C 176 9.02 14.43 18.14
CA ASN C 176 8.74 15.79 18.57
C ASN C 176 8.00 15.71 19.89
N GLY C 177 8.13 16.75 20.71
CA GLY C 177 7.26 16.93 21.86
C GLY C 177 6.04 17.76 21.49
N ASP C 178 5.22 18.07 22.48
CA ASP C 178 4.12 19.02 22.28
C ASP C 178 4.65 20.31 21.67
N GLY C 179 3.84 20.91 20.79
CA GLY C 179 4.30 22.10 20.09
C GLY C 179 3.16 22.87 19.46
N PHE C 180 3.47 24.11 19.09
CA PHE C 180 2.50 24.94 18.41
C PHE C 180 3.21 25.76 17.36
N GLY C 181 2.43 26.22 16.39
CA GLY C 181 2.97 27.09 15.36
C GLY C 181 1.91 28.07 14.89
N THR C 182 2.36 29.14 14.24
CA THR C 182 1.47 30.16 13.69
C THR C 182 2.03 30.59 12.35
N SER C 183 1.14 30.98 11.45
CA SER C 183 1.55 31.54 10.18
C SER C 183 0.64 32.70 9.79
N LEU C 184 1.19 33.62 8.99
CA LEU C 184 0.44 34.78 8.53
C LEU C 184 1.00 35.18 7.18
N THR C 185 0.11 35.40 6.21
CA THR C 185 0.53 35.79 4.87
C THR C 185 -0.40 36.89 4.39
N TYR C 186 0.14 37.79 3.57
CA TYR C 186 -0.63 38.94 3.13
C TYR C 186 -0.39 39.14 1.63
N ASP C 187 -1.45 39.01 0.85
CA ASP C 187 -1.40 39.26 -0.58
C ASP C 187 -1.62 40.74 -0.81
N ILE C 188 -0.53 41.48 -1.01
CA ILE C 188 -0.60 42.92 -1.23
C ILE C 188 -1.40 43.22 -2.50
N TRP C 189 -0.96 42.65 -3.62
CA TRP C 189 -1.69 42.56 -4.87
C TRP C 189 -1.89 41.08 -5.16
N ASP C 190 -2.62 40.76 -6.23
CA ASP C 190 -3.04 39.37 -6.43
C ASP C 190 -1.85 38.41 -6.52
N GLY C 191 -0.69 38.87 -6.98
CA GLY C 191 0.47 38.01 -7.05
C GLY C 191 1.52 38.21 -5.97
N ILE C 192 1.60 39.43 -5.44
CA ILE C 192 2.70 39.88 -4.59
C ILE C 192 2.35 39.65 -3.13
N SER C 193 3.26 38.99 -2.40
CA SER C 193 2.90 38.43 -1.10
C SER C 193 4.08 38.49 -0.13
N ALA C 194 3.77 38.70 1.14
CA ALA C 194 4.75 38.55 2.21
C ALA C 194 4.19 37.63 3.29
N GLY C 195 5.07 36.89 3.92
CA GLY C 195 4.63 35.88 4.87
C GLY C 195 5.60 35.66 6.00
N PHE C 196 5.05 35.26 7.14
CA PHE C 196 5.81 34.95 8.34
C PHE C 196 5.25 33.69 8.97
N ALA C 197 6.11 32.86 9.55
CA ALA C 197 5.65 31.72 10.31
C ALA C 197 6.57 31.49 11.51
N TYR C 198 5.99 30.96 12.57
CA TYR C 198 6.71 30.65 13.81
C TYR C 198 6.26 29.30 14.33
N SER C 199 7.21 28.51 14.86
CA SER C 199 6.85 27.30 15.59
C SER C 199 7.77 27.11 16.79
N HIS C 200 7.27 26.41 17.79
CA HIS C 200 7.98 26.17 19.05
C HIS C 200 7.52 24.82 19.57
N SER C 201 8.48 23.94 19.85
CA SER C 201 8.19 22.56 20.21
C SER C 201 9.07 22.10 21.35
N LYS C 202 8.50 21.36 22.30
CA LYS C 202 9.36 20.62 23.21
C LYS C 202 10.18 19.58 22.42
N ARG C 203 11.47 19.46 22.77
CA ARG C 203 12.28 18.37 22.28
C ARG C 203 12.12 17.14 23.17
N THR C 204 12.53 15.99 22.64
CA THR C 204 12.34 14.74 23.35
C THR C 204 13.67 14.25 23.92
N ASP C 205 13.57 13.31 24.86
CA ASP C 205 14.76 12.86 25.56
C ASP C 205 15.77 12.22 24.62
N GLU C 206 15.28 11.45 23.64
CA GLU C 206 16.20 10.76 22.72
C GLU C 206 16.90 11.75 21.79
N GLN C 207 16.26 12.89 21.50
CA GLN C 207 16.91 13.90 20.68
C GLN C 207 18.13 14.49 21.38
N ASN C 208 18.18 14.44 22.70
CA ASN C 208 19.32 14.95 23.43
C ASN C 208 20.32 13.87 23.83
N SER C 209 19.90 12.61 23.90
CA SER C 209 20.75 11.54 24.43
C SER C 209 21.39 10.67 23.36
N VAL C 210 20.73 10.47 22.22
CA VAL C 210 21.20 9.48 21.24
C VAL C 210 22.20 10.08 20.25
N PRO C 211 21.87 11.16 19.53
CA PRO C 211 22.83 11.66 18.55
C PRO C 211 23.91 12.51 19.21
N ALA C 212 25.02 12.68 18.48
CA ALA C 212 26.14 13.46 19.01
C ALA C 212 25.90 14.96 18.97
N LEU C 213 25.11 15.46 18.03
CA LEU C 213 24.97 16.89 17.80
C LEU C 213 23.59 17.39 18.22
N GLY C 214 23.56 18.59 18.79
CA GLY C 214 22.31 19.26 19.13
C GLY C 214 21.78 18.97 20.52
N ARG C 215 21.70 19.99 21.36
CA ARG C 215 21.24 19.82 22.73
C ARG C 215 20.35 21.01 23.08
N GLY C 216 19.25 20.72 23.76
CA GLY C 216 18.31 21.77 24.13
C GLY C 216 16.92 21.23 24.38
N ASP C 217 16.17 21.90 25.24
CA ASP C 217 14.82 21.45 25.58
C ASP C 217 13.77 21.91 24.57
N ASN C 218 14.06 22.90 23.73
CA ASN C 218 13.06 23.47 22.84
C ASN C 218 13.56 23.58 21.40
N ALA C 219 12.66 23.32 20.46
CA ALA C 219 12.90 23.55 19.04
C ALA C 219 12.06 24.76 18.61
N GLU C 220 12.70 25.71 17.93
CA GLU C 220 12.02 26.92 17.48
C GLU C 220 12.38 27.18 16.02
N THR C 221 11.44 27.76 15.28
CA THR C 221 11.74 28.23 13.92
C THR C 221 11.12 29.60 13.70
N TYR C 222 11.82 30.44 12.94
CA TYR C 222 11.36 31.77 12.55
C TYR C 222 11.54 31.89 11.05
N THR C 223 10.48 32.19 10.32
CA THR C 223 10.52 32.20 8.87
C THR C 223 9.91 33.48 8.33
N GLY C 224 10.59 34.09 7.35
CA GLY C 224 9.98 35.13 6.55
C GLY C 224 10.13 34.79 5.08
N GLY C 225 9.12 35.20 4.30
CA GLY C 225 9.09 34.87 2.89
C GLY C 225 8.51 35.99 2.05
N LEU C 226 8.92 36.00 0.79
CA LEU C 226 8.43 36.95 -0.20
C LEU C 226 8.18 36.22 -1.50
N LYS C 227 7.15 36.65 -2.23
CA LYS C 227 6.81 36.01 -3.48
C LYS C 227 6.23 37.02 -4.47
N TYR C 228 6.68 36.93 -5.72
CA TYR C 228 6.08 37.65 -6.84
C TYR C 228 5.60 36.62 -7.84
N ASP C 229 4.29 36.63 -8.13
CA ASP C 229 3.68 35.62 -9.00
C ASP C 229 2.65 36.31 -9.88
N ALA C 230 3.10 36.86 -11.00
CA ALA C 230 2.23 37.62 -11.90
C ALA C 230 2.99 37.87 -13.20
N ASN C 231 2.25 38.09 -14.28
CA ASN C 231 2.84 38.49 -15.56
C ASN C 231 3.86 37.48 -16.05
N ASN C 232 3.54 36.20 -15.91
CA ASN C 232 4.36 35.07 -16.34
C ASN C 232 5.69 34.98 -15.61
N ILE C 233 5.89 35.76 -14.55
CA ILE C 233 7.13 35.80 -13.80
C ILE C 233 6.87 35.22 -12.42
N TYR C 234 7.82 34.41 -11.93
CA TYR C 234 7.74 33.87 -10.58
C TYR C 234 9.06 34.12 -9.88
N LEU C 235 9.03 34.85 -8.76
CA LEU C 235 10.19 35.09 -7.92
C LEU C 235 9.80 34.85 -6.47
N ALA C 236 10.64 34.14 -5.73
CA ALA C 236 10.29 33.84 -4.35
C ALA C 236 11.55 33.64 -3.55
N SER C 237 11.46 33.97 -2.27
CA SER C 237 12.57 33.74 -1.36
C SER C 237 12.01 33.46 0.01
N GLN C 238 12.72 32.65 0.78
CA GLN C 238 12.38 32.43 2.17
C GLN C 238 13.65 32.41 2.98
N TYR C 239 13.57 32.92 4.20
CA TYR C 239 14.68 32.86 5.13
C TYR C 239 14.15 32.32 6.45
N THR C 240 14.85 31.32 7.01
CA THR C 240 14.42 30.69 8.25
C THR C 240 15.59 30.54 9.20
N GLN C 241 15.34 30.87 10.47
CA GLN C 241 16.30 30.68 11.54
C GLN C 241 15.73 29.63 12.47
N THR C 242 16.49 28.55 12.70
CA THR C 242 16.03 27.49 13.58
C THR C 242 16.96 27.35 14.76
N TYR C 243 16.38 26.79 15.83
CA TYR C 243 17.10 26.43 17.05
C TYR C 243 16.72 24.98 17.37
N ASN C 244 17.70 24.08 17.32
CA ASN C 244 17.52 22.69 17.72
C ASN C 244 16.51 21.95 16.84
N ALA C 245 16.38 22.36 15.58
CA ALA C 245 15.30 21.88 14.73
C ALA C 245 15.73 21.47 13.32
N THR C 246 16.90 21.93 12.85
CA THR C 246 17.40 21.60 11.52
C THR C 246 18.35 20.40 11.66
N ARG C 247 18.05 19.33 10.93
CA ARG C 247 18.84 18.11 11.06
C ARG C 247 20.25 18.33 10.53
N ALA C 248 21.23 17.78 11.24
CA ALA C 248 22.61 17.76 10.77
C ALA C 248 22.95 16.37 10.24
N GLY C 249 22.22 15.99 9.19
CA GLY C 249 22.31 14.62 8.69
C GLY C 249 22.13 13.62 9.80
N SER C 250 22.89 12.53 9.73
CA SER C 250 22.77 11.50 10.74
C SER C 250 23.43 11.88 12.07
N LEU C 251 24.07 13.05 12.17
CA LEU C 251 24.84 13.40 13.36
C LEU C 251 24.00 14.00 14.47
N GLY C 252 22.75 14.38 14.18
CA GLY C 252 21.87 14.95 15.17
C GLY C 252 21.17 16.16 14.60
N PHE C 253 21.10 17.23 15.40
CA PHE C 253 20.49 18.50 15.03
C PHE C 253 21.49 19.63 15.19
N ALA C 254 21.29 20.70 14.42
CA ALA C 254 22.09 21.92 14.59
C ALA C 254 21.53 22.78 15.73
N ASN C 255 22.42 23.21 16.64
CA ASN C 255 21.98 24.08 17.73
C ASN C 255 21.34 25.34 17.18
N LYS C 256 21.93 25.92 16.13
CA LYS C 256 21.28 26.95 15.34
C LYS C 256 21.60 26.70 13.87
N ALA C 257 20.66 27.04 13.02
CA ALA C 257 20.85 27.02 11.59
C ALA C 257 20.18 28.23 10.99
N GLN C 258 20.72 28.69 9.87
CA GLN C 258 20.11 29.72 9.05
C GLN C 258 19.93 29.12 7.67
N ASN C 259 18.70 29.12 7.18
CA ASN C 259 18.37 28.53 5.90
C ASN C 259 17.87 29.60 4.96
N PHE C 260 18.26 29.50 3.70
CA PHE C 260 17.88 30.49 2.71
C PHE C 260 17.62 29.80 1.39
N GLU C 261 16.48 30.12 0.76
CA GLU C 261 16.14 29.65 -0.59
C GLU C 261 15.61 30.82 -1.41
N VAL C 262 15.98 30.85 -2.70
CA VAL C 262 15.47 31.85 -3.63
C VAL C 262 15.37 31.22 -5.01
N VAL C 263 14.33 31.56 -5.75
CA VAL C 263 14.08 30.92 -7.03
C VAL C 263 13.58 31.98 -8.02
N ALA C 264 13.98 31.83 -9.28
CA ALA C 264 13.51 32.70 -10.34
C ALA C 264 13.03 31.83 -11.49
N GLN C 265 11.82 32.09 -11.96
CA GLN C 265 11.23 31.32 -13.05
C GLN C 265 10.48 32.24 -14.00
N TYR C 266 10.37 31.79 -15.26
CA TYR C 266 9.56 32.43 -16.28
C TYR C 266 8.74 31.38 -17.01
N GLN C 267 7.48 31.69 -17.29
CA GLN C 267 6.55 30.79 -17.96
C GLN C 267 6.32 31.26 -19.40
N PHE C 268 6.85 30.51 -20.36
CA PHE C 268 6.62 30.80 -21.76
C PHE C 268 5.25 30.31 -22.21
N ASP C 269 4.69 31.03 -23.19
CA ASP C 269 3.37 30.74 -23.72
C ASP C 269 3.28 29.34 -24.31
N PHE C 270 4.36 28.88 -24.94
CA PHE C 270 4.29 27.59 -25.61
C PHE C 270 4.50 26.41 -24.67
N GLY C 271 4.84 26.66 -23.40
CA GLY C 271 4.87 25.62 -22.39
C GLY C 271 6.13 25.50 -21.55
N LEU C 272 7.26 26.01 -22.05
CA LEU C 272 8.53 25.86 -21.36
C LEU C 272 8.64 26.81 -20.17
N ARG C 273 9.15 26.29 -19.04
CA ARG C 273 9.27 27.05 -17.80
C ARG C 273 10.67 26.87 -17.21
N PRO C 274 11.63 27.67 -17.65
CA PRO C 274 12.97 27.63 -17.05
C PRO C 274 12.95 28.08 -15.60
N SER C 275 13.94 27.62 -14.85
CA SER C 275 13.98 27.78 -13.40
C SER C 275 15.44 27.90 -12.95
N VAL C 276 15.73 28.88 -12.10
CA VAL C 276 17.04 29.02 -11.46
C VAL C 276 16.82 29.21 -9.98
N ALA C 277 17.62 28.52 -9.16
CA ALA C 277 17.40 28.58 -7.71
C ALA C 277 18.74 28.47 -6.98
N TYR C 278 18.75 28.99 -5.76
CA TYR C 278 19.86 28.85 -4.84
C TYR C 278 19.29 28.45 -3.49
N LEU C 279 19.94 27.49 -2.83
CA LEU C 279 19.52 27.00 -1.52
C LEU C 279 20.73 26.79 -0.64
N GLN C 280 20.62 27.20 0.62
CA GLN C 280 21.70 26.90 1.55
C GLN C 280 21.14 26.74 2.95
N SER C 281 21.84 25.93 3.75
CA SER C 281 21.53 25.77 5.17
C SER C 281 22.85 25.77 5.92
N LYS C 282 23.04 26.75 6.80
CA LYS C 282 24.29 26.94 7.54
C LYS C 282 24.09 26.56 9.00
N GLY C 283 24.80 25.52 9.45
CA GLY C 283 24.74 25.12 10.84
C GLY C 283 25.73 25.92 11.69
N LYS C 284 25.33 26.20 12.93
CA LYS C 284 26.14 27.00 13.83
C LYS C 284 26.21 26.32 15.18
N ASP C 285 27.38 26.45 15.82
CA ASP C 285 27.60 26.01 17.21
C ASP C 285 27.40 24.50 17.35
N LEU C 286 27.87 23.75 16.36
CA LEU C 286 27.79 22.29 16.44
C LEU C 286 28.88 21.73 17.34
N GLU C 287 28.56 20.64 18.02
CA GLU C 287 29.45 20.04 19.01
C GLU C 287 30.58 19.27 18.32
N ARG C 288 31.40 18.60 19.13
CA ARG C 288 32.50 17.74 18.68
C ARG C 288 33.49 18.47 17.80
N GLY C 289 33.56 19.79 17.91
CA GLY C 289 34.55 20.57 17.19
C GLY C 289 34.16 20.98 15.78
N TYR C 290 32.91 20.74 15.36
CA TYR C 290 32.51 21.12 14.02
C TYR C 290 32.25 22.62 13.88
N GLY C 291 31.84 23.27 14.96
CA GLY C 291 31.64 24.71 14.93
C GLY C 291 30.53 25.11 13.98
N ASP C 292 30.87 25.89 12.96
CA ASP C 292 29.95 26.25 11.89
C ASP C 292 30.24 25.41 10.65
N GLN C 293 29.19 24.77 10.14
CA GLN C 293 29.31 23.89 8.98
C GLN C 293 28.14 24.11 8.05
N ASP C 294 28.40 24.06 6.75
CA ASP C 294 27.32 24.03 5.78
C ASP C 294 26.63 22.67 5.82
N ILE C 295 25.30 22.66 5.82
CA ILE C 295 24.55 21.41 5.84
C ILE C 295 24.01 21.19 4.44
N LEU C 296 23.70 22.28 3.74
CA LEU C 296 23.20 22.22 2.38
C LEU C 296 23.70 23.46 1.65
N LYS C 297 24.10 23.30 0.38
CA LYS C 297 24.46 24.45 -0.43
C LYS C 297 24.52 24.08 -1.92
N TYR C 298 23.59 24.59 -2.73
CA TYR C 298 23.68 24.30 -4.15
C TYR C 298 22.91 25.32 -4.97
N VAL C 299 23.25 25.39 -6.25
CA VAL C 299 22.53 26.19 -7.22
C VAL C 299 21.82 25.21 -8.16
N ASP C 300 20.57 25.52 -8.49
CA ASP C 300 19.75 24.62 -9.29
C ASP C 300 19.34 25.34 -10.57
N VAL C 301 19.55 24.67 -11.71
CA VAL C 301 19.14 25.16 -13.02
C VAL C 301 18.34 24.06 -13.70
N GLY C 302 17.13 24.37 -14.14
CA GLY C 302 16.33 23.38 -14.82
C GLY C 302 15.18 24.01 -15.57
N ALA C 303 14.28 23.15 -16.05
CA ALA C 303 13.14 23.60 -16.84
C ALA C 303 12.09 22.49 -16.88
N THR C 304 10.84 22.92 -16.93
CA THR C 304 9.73 21.99 -17.14
C THR C 304 9.02 22.38 -18.44
N TYR C 305 8.72 21.40 -19.29
CA TYR C 305 7.87 21.64 -20.44
C TYR C 305 6.52 21.03 -20.16
N TYR C 306 5.48 21.88 -20.20
CA TYR C 306 4.11 21.46 -19.95
C TYR C 306 3.44 21.20 -21.30
N PHE C 307 3.22 19.92 -21.63
CA PHE C 307 2.44 19.60 -22.82
C PHE C 307 1.00 20.09 -22.69
N ASN C 308 0.39 19.86 -21.53
CA ASN C 308 -0.91 20.40 -21.18
C ASN C 308 -1.02 20.28 -19.67
N LYS C 309 -2.24 20.30 -19.16
CA LYS C 309 -2.46 20.21 -17.71
C LYS C 309 -2.31 18.80 -17.16
N ASN C 310 -2.14 17.78 -18.01
CA ASN C 310 -2.04 16.41 -17.53
C ASN C 310 -0.72 15.73 -17.89
N MET C 311 0.19 16.42 -18.58
CA MET C 311 1.43 15.79 -19.02
C MET C 311 2.53 16.84 -18.99
N SER C 312 3.68 16.48 -18.43
CA SER C 312 4.82 17.38 -18.46
C SER C 312 6.11 16.57 -18.51
N THR C 313 7.21 17.26 -18.82
CA THR C 313 8.52 16.66 -18.81
C THR C 313 9.50 17.69 -18.29
N TYR C 314 10.60 17.24 -17.71
CA TYR C 314 11.49 18.21 -17.09
C TYR C 314 12.92 17.69 -17.00
N VAL C 315 13.85 18.65 -16.90
CA VAL C 315 15.26 18.43 -16.61
C VAL C 315 15.63 19.31 -15.42
N ASP C 316 16.41 18.78 -14.49
CA ASP C 316 16.80 19.56 -13.32
C ASP C 316 18.25 19.23 -12.98
N TYR C 317 19.06 20.26 -12.82
CA TYR C 317 20.50 20.13 -12.62
C TYR C 317 20.85 20.75 -11.28
N LYS C 318 21.21 19.90 -10.32
CA LYS C 318 21.62 20.37 -9.00
C LYS C 318 23.14 20.46 -9.03
N ILE C 319 23.67 21.68 -8.98
CA ILE C 319 25.11 21.91 -8.96
C ILE C 319 25.50 22.05 -7.49
N ASN C 320 26.14 21.03 -6.95
CA ASN C 320 26.38 20.96 -5.51
C ASN C 320 27.65 21.73 -5.13
N LEU C 321 27.52 22.63 -4.15
CA LEU C 321 28.61 23.50 -3.74
C LEU C 321 29.24 23.07 -2.43
N LEU C 322 28.75 22.00 -1.81
CA LEU C 322 29.34 21.54 -0.57
C LEU C 322 30.73 20.98 -0.82
N ASP C 323 31.55 21.04 0.21
CA ASP C 323 32.84 20.39 0.24
C ASP C 323 32.72 19.02 0.87
N ASP C 324 33.40 18.05 0.28
CA ASP C 324 33.61 16.75 0.90
C ASP C 324 34.57 16.95 2.07
N ASN C 325 34.02 17.00 3.28
CA ASN C 325 34.86 17.22 4.47
C ASN C 325 34.44 16.23 5.55
N SER C 326 34.93 16.44 6.78
CA SER C 326 34.62 15.50 7.85
C SER C 326 33.15 15.57 8.27
N PHE C 327 32.57 16.77 8.28
CA PHE C 327 31.18 16.90 8.68
C PHE C 327 30.26 16.19 7.68
N THR C 328 30.45 16.45 6.38
CA THR C 328 29.54 15.89 5.38
C THR C 328 29.69 14.38 5.29
N ARG C 329 30.92 13.87 5.46
CA ARG C 329 31.14 12.42 5.45
C ARG C 329 30.45 11.76 6.63
N ASN C 330 30.67 12.29 7.84
CA ASN C 330 30.11 11.65 9.02
C ASN C 330 28.60 11.84 9.10
N ALA C 331 28.08 12.93 8.54
CA ALA C 331 26.63 13.17 8.54
C ALA C 331 25.91 12.45 7.41
N GLY C 332 26.63 11.85 6.46
CA GLY C 332 25.97 11.24 5.32
C GLY C 332 25.36 12.23 4.36
N ILE C 333 25.88 13.46 4.31
CA ILE C 333 25.34 14.50 3.44
C ILE C 333 25.96 14.36 2.06
N SER C 334 25.12 14.45 1.02
CA SER C 334 25.60 14.34 -0.34
C SER C 334 26.29 15.62 -0.81
N THR C 335 27.49 15.46 -1.39
CA THR C 335 28.24 16.58 -1.95
C THR C 335 28.36 16.53 -3.46
N ASP C 336 27.74 15.56 -4.12
CA ASP C 336 27.86 15.44 -5.57
C ASP C 336 26.71 16.15 -6.28
N ASP C 337 26.96 16.49 -7.55
CA ASP C 337 25.96 16.99 -8.47
C ASP C 337 24.95 15.90 -8.82
N VAL C 338 23.75 16.32 -9.25
CA VAL C 338 22.71 15.40 -9.68
C VAL C 338 21.99 16.00 -10.89
N VAL C 339 21.75 15.19 -11.91
CA VAL C 339 20.85 15.56 -13.01
C VAL C 339 19.62 14.65 -12.97
N ALA C 340 18.44 15.26 -13.06
CA ALA C 340 17.18 14.52 -13.09
C ALA C 340 16.48 14.73 -14.43
N LEU C 341 15.96 13.65 -15.02
CA LEU C 341 15.07 13.73 -16.16
C LEU C 341 13.78 13.00 -15.83
N GLY C 342 12.66 13.64 -16.12
CA GLY C 342 11.37 13.10 -15.71
C GLY C 342 10.32 13.30 -16.78
N LEU C 343 9.40 12.35 -16.84
CA LEU C 343 8.23 12.41 -17.69
C LEU C 343 7.04 12.09 -16.80
N VAL C 344 6.07 13.00 -16.72
CA VAL C 344 5.02 12.99 -15.69
C VAL C 344 3.65 12.94 -16.36
N TYR C 345 2.86 11.92 -16.03
CA TYR C 345 1.43 11.90 -16.32
C TYR C 345 0.67 12.27 -15.04
N GLN C 346 -0.27 13.20 -15.16
CA GLN C 346 -1.00 13.72 -14.02
C GLN C 346 -2.49 13.51 -14.24
N PHE C 347 -3.18 13.03 -13.20
CA PHE C 347 -4.62 13.09 -13.23
C PHE C 347 -5.08 14.04 -12.14
#